data_4WC1
#
_entry.id   4WC1
#
_cell.length_a   58.400
_cell.length_b   108.090
_cell.length_c   84.920
_cell.angle_alpha   90.000
_cell.angle_beta   110.080
_cell.angle_gamma   90.000
#
_symmetry.space_group_name_H-M   'P 1 21 1'
#
loop_
_entity.id
_entity.type
_entity.pdbx_description
1 polymer 'Poly A polymerase'
2 non-polymer "CYTIDINE-5'-TRIPHOSPHATE"
#
_entity_poly.entity_id   1
_entity_poly.type   'polypeptide(L)'
_entity_poly.pdbx_seq_one_letter_code
;MVGQIAKEMGLRAYIVGGVVRDILLGKEVWDVDFVVEGNAIELAKELARRHGVNVHPFPEFGTAHLKIGKLKLEFATARR
ETYPRPGAYPKVEPASLKEDLIRRDFTINAMAISVNLEDYGTLIDYFGGLRDLKDKVIRVLHPVSFIEDPVRILRALRFA
GRLNFKLSRSTEKLLKQAVNLGLLKEAPRGRLINEIKLALREDRFLEILELYRKYRVLEEIIEGFQWNEKVLQKLYALRK
VVDWHALEFSEERIDYGWLYLLILISNLDYERGKHFLEEMSAPSWVRETYKFMKFKLGSLKEELKKAKENYEVYRLLKPL
HTSVLLLLMLEEELKEKIKLYLEKLRKVKLPKEKIEELKKQGLKGKELGERIEELKREIMNKIKLAAALEHHHHHH
;
_entity_poly.pdbx_strand_id   A,B
#
# COMPACT_ATOMS: atom_id res chain seq x y z
N MET A 1 19.56 40.04 -9.49
CA MET A 1 20.28 39.48 -8.36
C MET A 1 21.65 38.96 -8.77
N VAL A 2 21.64 37.97 -9.66
CA VAL A 2 22.83 37.29 -10.11
C VAL A 2 23.69 38.17 -10.99
N GLY A 3 23.06 38.89 -11.89
CA GLY A 3 23.77 39.77 -12.82
C GLY A 3 24.61 40.81 -12.13
N GLN A 4 24.07 41.34 -11.04
CA GLN A 4 24.77 42.39 -10.28
C GLN A 4 25.99 41.84 -9.55
N ILE A 5 25.84 40.69 -8.90
CA ILE A 5 26.97 40.02 -8.28
C ILE A 5 28.03 39.66 -9.32
N ALA A 6 27.58 39.18 -10.47
CA ALA A 6 28.50 38.87 -11.57
C ALA A 6 29.26 40.11 -12.01
N LYS A 7 28.63 41.29 -11.91
CA LYS A 7 29.39 42.52 -12.14
C LYS A 7 30.44 42.66 -11.06
N GLU A 8 30.01 42.63 -9.79
CA GLU A 8 30.94 42.81 -8.67
C GLU A 8 32.06 41.80 -8.75
N MET A 9 31.72 40.61 -9.23
CA MET A 9 32.71 39.55 -9.40
C MET A 9 33.35 39.57 -10.79
N GLY A 10 32.84 40.45 -11.65
CA GLY A 10 33.35 40.58 -13.02
C GLY A 10 33.25 39.29 -13.81
N LEU A 11 32.26 38.48 -13.47
CA LEU A 11 32.04 37.19 -14.16
C LEU A 11 31.00 37.33 -15.26
N ARG A 12 30.60 36.20 -15.84
CA ARG A 12 29.47 36.19 -16.75
C ARG A 12 28.55 35.01 -16.42
N ALA A 13 27.29 35.28 -16.11
CA ALA A 13 26.37 34.22 -15.69
C ALA A 13 25.22 34.03 -16.67
N TYR A 14 24.82 32.79 -16.93
CA TYR A 14 23.79 32.53 -17.92
C TYR A 14 22.75 31.48 -17.50
N ILE A 15 21.49 31.71 -17.84
CA ILE A 15 20.43 30.71 -17.69
C ILE A 15 20.56 29.71 -18.80
N VAL A 16 20.51 28.42 -18.49
CA VAL A 16 20.87 27.45 -19.51
C VAL A 16 19.94 26.25 -19.61
N GLY A 17 19.68 25.82 -20.83
CA GLY A 17 19.03 24.56 -21.07
C GLY A 17 17.53 24.62 -21.10
N GLY A 18 16.91 23.53 -20.63
CA GLY A 18 15.47 23.38 -20.63
C GLY A 18 14.74 24.57 -20.06
N VAL A 19 15.28 25.14 -18.99
CA VAL A 19 14.66 26.31 -18.38
C VAL A 19 14.40 27.37 -19.43
N VAL A 20 15.46 27.71 -20.17
CA VAL A 20 15.35 28.67 -21.25
C VAL A 20 14.24 28.26 -22.21
N ARG A 21 14.28 27.01 -22.66
CA ARG A 21 13.24 26.48 -23.51
C ARG A 21 11.89 26.73 -22.87
N ASP A 22 11.75 26.31 -21.63
CA ASP A 22 10.50 26.44 -20.89
C ASP A 22 10.03 27.89 -20.92
N ILE A 23 10.99 28.81 -20.90
CA ILE A 23 10.66 30.22 -20.95
C ILE A 23 10.16 30.65 -22.32
N LEU A 24 10.89 30.32 -23.37
CA LEU A 24 10.45 30.69 -24.72
C LEU A 24 9.06 30.15 -25.00
N LEU A 25 8.77 28.99 -24.43
CA LEU A 25 7.46 28.37 -24.59
C LEU A 25 6.53 28.75 -23.44
N GLY A 26 7.00 29.61 -22.55
CA GLY A 26 6.17 30.16 -21.49
C GLY A 26 5.70 29.21 -20.40
N LYS A 27 6.47 28.16 -20.13
CA LYS A 27 6.25 27.34 -18.94
C LYS A 27 6.81 28.06 -17.73
N GLU A 28 6.23 27.82 -16.57
CA GLU A 28 6.78 28.34 -15.33
C GLU A 28 7.60 27.28 -14.63
N VAL A 29 8.81 27.65 -14.25
CA VAL A 29 9.70 26.74 -13.54
C VAL A 29 10.39 27.48 -12.42
N TRP A 30 10.31 26.95 -11.21
CA TRP A 30 11.04 27.52 -10.10
C TRP A 30 12.33 26.76 -9.87
N ASP A 31 12.62 25.80 -10.73
CA ASP A 31 13.94 25.17 -10.76
C ASP A 31 14.75 25.74 -11.91
N VAL A 32 15.76 26.53 -11.56
CA VAL A 32 16.50 27.29 -12.55
C VAL A 32 17.98 26.92 -12.53
N ASP A 33 18.50 26.61 -13.72
CA ASP A 33 19.87 26.16 -13.85
C ASP A 33 20.72 27.21 -14.57
N PHE A 34 21.91 27.47 -14.01
CA PHE A 34 22.86 28.39 -14.64
C PHE A 34 24.20 27.75 -15.00
N VAL A 35 24.84 28.32 -16.01
CA VAL A 35 26.23 28.06 -16.33
C VAL A 35 27.01 29.35 -16.23
N VAL A 36 28.19 29.28 -15.63
CA VAL A 36 28.98 30.46 -15.33
C VAL A 36 30.34 30.44 -16.02
N GLU A 37 30.66 31.54 -16.70
CA GLU A 37 32.04 31.80 -17.09
C GLU A 37 32.61 32.63 -15.95
N GLY A 38 33.38 31.93 -15.11
CA GLY A 38 33.80 32.45 -13.84
C GLY A 38 33.78 31.31 -12.83
N ASN A 39 33.82 31.66 -11.55
CA ASN A 39 33.65 30.67 -10.49
C ASN A 39 32.20 30.63 -10.06
N ALA A 40 31.51 29.55 -10.40
CA ALA A 40 30.08 29.46 -10.12
C ALA A 40 29.80 29.38 -8.63
N ILE A 41 30.50 28.46 -7.96
CA ILE A 41 30.29 28.20 -6.53
C ILE A 41 30.33 29.47 -5.68
N GLU A 42 31.26 30.36 -5.96
CA GLU A 42 31.33 31.60 -5.20
C GLU A 42 30.18 32.55 -5.56
N LEU A 43 29.77 32.55 -6.82
CA LEU A 43 28.64 33.39 -7.22
C LEU A 43 27.42 32.97 -6.44
N ALA A 44 27.27 31.66 -6.33
CA ALA A 44 26.19 31.06 -5.56
C ALA A 44 26.30 31.46 -4.10
N LYS A 45 27.50 31.35 -3.57
CA LYS A 45 27.72 31.64 -2.17
C LYS A 45 27.39 33.09 -1.85
N GLU A 46 27.69 34.01 -2.76
CA GLU A 46 27.41 35.42 -2.50
C GLU A 46 25.94 35.70 -2.69
N LEU A 47 25.31 34.98 -3.61
CA LEU A 47 23.87 35.18 -3.82
C LEU A 47 23.15 34.77 -2.54
N ALA A 48 23.54 33.60 -2.05
CA ALA A 48 23.00 33.07 -0.81
C ALA A 48 23.25 34.04 0.32
N ARG A 49 24.48 34.52 0.39
CA ARG A 49 24.91 35.44 1.44
C ARG A 49 24.00 36.64 1.48
N ARG A 50 23.89 37.35 0.36
CA ARG A 50 23.14 38.60 0.33
C ARG A 50 21.67 38.36 0.57
N HIS A 51 21.17 37.18 0.17
CA HIS A 51 19.82 36.82 0.53
C HIS A 51 19.74 36.25 1.94
N GLY A 52 20.89 35.86 2.47
CA GLY A 52 20.92 35.23 3.77
C GLY A 52 20.19 33.90 3.78
N VAL A 53 20.56 33.03 2.86
CA VAL A 53 19.92 31.72 2.71
C VAL A 53 20.97 30.62 2.64
N ASN A 54 20.65 29.45 3.17
CA ASN A 54 21.60 28.35 3.24
C ASN A 54 21.92 27.78 1.85
N VAL A 55 23.21 27.56 1.59
CA VAL A 55 23.68 27.12 0.27
C VAL A 55 24.58 25.87 0.35
N HIS A 56 24.35 24.91 -0.54
CA HIS A 56 25.19 23.71 -0.58
C HIS A 56 26.10 23.70 -1.80
N PRO A 57 27.37 24.01 -1.58
CA PRO A 57 28.37 23.87 -2.62
C PRO A 57 28.83 22.42 -2.74
N PHE A 58 29.28 22.06 -3.93
CA PHE A 58 29.76 20.73 -4.26
C PHE A 58 31.07 20.95 -4.96
N PRO A 59 32.15 21.01 -4.16
CA PRO A 59 33.51 21.31 -4.59
C PRO A 59 34.02 20.34 -5.66
N GLU A 60 33.82 19.03 -5.43
CA GLU A 60 34.29 17.99 -6.34
C GLU A 60 33.71 18.19 -7.75
N PHE A 61 32.39 18.25 -7.81
CA PHE A 61 31.67 18.47 -9.05
C PHE A 61 31.75 19.93 -9.52
N GLY A 62 31.86 20.84 -8.56
CA GLY A 62 31.94 22.26 -8.88
C GLY A 62 30.61 22.89 -9.19
N THR A 63 29.58 22.56 -8.40
CA THR A 63 28.27 23.22 -8.56
C THR A 63 27.75 23.65 -7.21
N ALA A 64 26.69 24.45 -7.18
CA ALA A 64 26.07 24.71 -5.88
C ALA A 64 24.56 24.84 -5.99
N HIS A 65 23.86 24.13 -5.11
CA HIS A 65 22.41 24.24 -5.01
C HIS A 65 22.06 25.24 -3.92
N LEU A 66 21.14 26.16 -4.21
CA LEU A 66 20.62 27.03 -3.16
C LEU A 66 19.20 27.42 -3.50
N LYS A 67 18.37 27.62 -2.49
CA LYS A 67 16.96 27.82 -2.74
C LYS A 67 16.49 29.16 -2.22
N ILE A 68 16.19 30.06 -3.14
CA ILE A 68 15.66 31.36 -2.81
C ILE A 68 14.14 31.33 -2.83
N GLY A 69 13.52 31.50 -1.67
CA GLY A 69 12.09 31.34 -1.57
C GLY A 69 11.71 29.90 -1.86
N LYS A 70 10.60 29.69 -2.55
CA LYS A 70 10.26 28.33 -2.95
C LYS A 70 10.87 28.08 -4.32
N LEU A 71 11.67 29.05 -4.75
CA LEU A 71 12.34 28.99 -6.03
C LEU A 71 13.70 28.33 -5.85
N LYS A 72 14.07 27.41 -6.74
CA LYS A 72 15.35 26.70 -6.63
C LYS A 72 16.38 27.12 -7.69
N LEU A 73 17.64 27.10 -7.30
CA LEU A 73 18.74 27.58 -8.14
C LEU A 73 19.94 26.64 -8.10
N GLU A 74 20.47 26.27 -9.26
CA GLU A 74 21.71 25.50 -9.31
C GLU A 74 22.74 26.18 -10.21
N PHE A 75 23.86 26.60 -9.62
CA PHE A 75 24.93 27.23 -10.40
C PHE A 75 26.04 26.27 -10.74
N ALA A 76 26.35 26.16 -12.04
CA ALA A 76 27.43 25.27 -12.45
C ALA A 76 28.52 26.03 -13.18
N THR A 77 29.76 25.70 -12.86
CA THR A 77 30.88 26.27 -13.58
C THR A 77 30.91 25.65 -14.96
N ALA A 78 31.16 26.46 -15.97
CA ALA A 78 31.22 25.98 -17.35
C ALA A 78 32.29 24.89 -17.49
N ARG A 79 31.99 23.88 -18.31
CA ARG A 79 32.87 22.74 -18.51
C ARG A 79 32.73 22.16 -19.92
N ARG A 80 33.83 21.60 -20.44
CA ARG A 80 33.79 20.95 -21.75
C ARG A 80 33.61 19.44 -21.63
N GLU A 81 33.58 18.93 -20.40
CA GLU A 81 33.42 17.50 -20.15
C GLU A 81 32.00 17.04 -20.50
N PRO A 94 40.25 27.52 -20.20
CA PRO A 94 38.86 27.52 -19.73
C PRO A 94 37.86 27.11 -20.81
N ALA A 95 36.58 27.35 -20.55
CA ALA A 95 35.54 26.93 -21.48
C ALA A 95 34.55 28.06 -21.79
N SER A 96 34.52 28.45 -23.06
CA SER A 96 33.53 29.42 -23.52
C SER A 96 32.15 28.83 -23.34
N LEU A 97 31.15 29.70 -23.24
CA LEU A 97 29.80 29.23 -23.08
C LEU A 97 29.44 28.34 -24.25
N LYS A 98 29.87 28.72 -25.45
CA LYS A 98 29.56 27.95 -26.65
C LYS A 98 30.08 26.53 -26.52
N GLU A 99 31.14 26.36 -25.75
CA GLU A 99 31.66 25.04 -25.48
C GLU A 99 30.73 24.28 -24.54
N ASP A 100 30.24 24.99 -23.51
CA ASP A 100 29.33 24.38 -22.54
C ASP A 100 28.06 23.93 -23.23
N LEU A 101 27.62 24.71 -24.21
CA LEU A 101 26.38 24.46 -24.93
C LEU A 101 26.52 23.39 -25.99
N ILE A 102 27.60 23.45 -26.75
CA ILE A 102 27.77 22.53 -27.87
C ILE A 102 27.84 21.06 -27.42
N ARG A 103 28.10 20.84 -26.13
CA ARG A 103 28.15 19.49 -25.61
C ARG A 103 26.76 18.96 -25.30
N ARG A 104 25.77 19.84 -25.26
CA ARG A 104 24.42 19.48 -24.83
C ARG A 104 23.67 18.63 -25.85
N ASP A 105 22.45 18.23 -25.52
CA ASP A 105 21.74 17.31 -26.39
C ASP A 105 21.09 18.04 -27.55
N PHE A 106 20.04 18.79 -27.27
CA PHE A 106 19.21 19.30 -28.34
C PHE A 106 19.31 20.78 -28.48
N THR A 107 19.15 21.23 -29.71
CA THR A 107 19.15 22.64 -30.05
C THR A 107 18.26 23.42 -29.09
N ILE A 108 17.03 22.95 -28.91
CA ILE A 108 16.11 23.61 -28.01
C ILE A 108 16.55 23.53 -26.55
N ASN A 109 17.51 22.67 -26.25
CA ASN A 109 18.12 22.70 -24.92
C ASN A 109 19.45 23.43 -24.91
N ALA A 110 19.89 23.87 -26.08
CA ALA A 110 21.22 24.43 -26.21
C ALA A 110 21.26 25.95 -26.09
N MET A 111 20.12 26.56 -25.78
CA MET A 111 20.07 28.01 -25.73
C MET A 111 20.51 28.53 -24.38
N ALA A 112 20.61 29.85 -24.26
CA ALA A 112 21.01 30.50 -23.01
C ALA A 112 20.46 31.90 -22.90
N ILE A 113 20.27 32.38 -21.68
CA ILE A 113 19.75 33.71 -21.48
C ILE A 113 20.65 34.50 -20.55
N SER A 114 21.02 35.70 -20.95
CA SER A 114 21.98 36.50 -20.20
C SER A 114 21.37 37.18 -19.02
N VAL A 115 21.93 36.95 -17.86
CA VAL A 115 21.59 37.75 -16.69
C VAL A 115 22.63 38.84 -16.49
N ASN A 116 23.67 38.81 -17.32
CA ASN A 116 24.67 39.88 -17.34
C ASN A 116 24.00 41.19 -17.68
N LEU A 117 24.27 42.23 -16.91
CA LEU A 117 23.51 43.45 -16.99
C LEU A 117 23.65 44.20 -18.32
N GLU A 118 24.71 43.96 -19.09
CA GLU A 118 24.82 44.60 -20.40
C GLU A 118 23.90 43.97 -21.46
N ASP A 119 23.98 42.65 -21.61
CA ASP A 119 23.16 41.93 -22.59
C ASP A 119 21.92 41.31 -21.99
N TYR A 120 21.58 41.72 -20.76
CA TYR A 120 20.48 41.12 -20.02
C TYR A 120 19.19 40.97 -20.83
N GLY A 121 18.64 39.77 -20.83
CA GLY A 121 17.40 39.47 -21.52
C GLY A 121 17.60 38.72 -22.82
N THR A 122 18.86 38.58 -23.24
CA THR A 122 19.18 38.03 -24.55
C THR A 122 19.04 36.51 -24.64
N LEU A 123 18.36 36.05 -25.67
CA LEU A 123 18.39 34.63 -26.01
C LEU A 123 19.63 34.36 -26.86
N ILE A 124 20.44 33.43 -26.41
CA ILE A 124 21.65 33.07 -27.14
C ILE A 124 21.47 31.76 -27.90
N ASP A 125 21.37 31.85 -29.22
CA ASP A 125 21.12 30.67 -30.04
C ASP A 125 22.26 30.46 -31.03
N TYR A 126 23.10 29.47 -30.76
CA TYR A 126 24.19 29.13 -31.66
C TYR A 126 23.76 28.18 -32.78
N PHE A 127 23.01 27.17 -32.39
CA PHE A 127 22.70 26.04 -33.26
C PHE A 127 21.30 26.13 -33.88
N GLY A 128 20.62 27.25 -33.61
CA GLY A 128 19.32 27.49 -34.21
C GLY A 128 18.20 26.97 -33.33
N GLY A 129 18.48 26.81 -32.04
CA GLY A 129 17.53 26.25 -31.11
C GLY A 129 16.15 26.87 -31.20
N LEU A 130 16.11 28.16 -31.53
CA LEU A 130 14.85 28.88 -31.62
C LEU A 130 14.13 28.56 -32.92
N ARG A 131 14.87 28.60 -34.02
CA ARG A 131 14.35 28.16 -35.31
C ARG A 131 13.71 26.81 -35.14
N ASP A 132 14.52 25.84 -34.72
CA ASP A 132 14.07 24.49 -34.48
C ASP A 132 12.99 24.41 -33.42
N LEU A 133 12.88 25.45 -32.58
CA LEU A 133 11.86 25.49 -31.54
C LEU A 133 10.49 25.77 -32.15
N LYS A 134 10.45 26.73 -33.07
CA LYS A 134 9.19 27.07 -33.71
C LYS A 134 8.76 25.94 -34.65
N ASP A 135 9.73 25.22 -35.19
CA ASP A 135 9.45 24.19 -36.19
C ASP A 135 8.99 22.88 -35.55
N LYS A 136 8.87 22.89 -34.21
CA LYS A 136 8.40 21.73 -33.45
C LYS A 136 9.28 20.51 -33.68
N VAL A 137 10.59 20.69 -33.54
CA VAL A 137 11.55 19.66 -33.97
C VAL A 137 12.60 19.27 -32.92
N ILE A 138 12.81 17.98 -32.77
CA ILE A 138 13.89 17.46 -31.93
C ILE A 138 15.13 17.23 -32.79
N ARG A 139 16.15 18.05 -32.57
CA ARG A 139 17.38 17.95 -33.34
C ARG A 139 18.58 17.98 -32.41
N VAL A 140 19.37 16.91 -32.47
CA VAL A 140 20.62 16.85 -31.72
C VAL A 140 21.62 17.87 -32.26
N LEU A 141 22.61 18.21 -31.44
CA LEU A 141 23.66 19.14 -31.86
C LEU A 141 24.61 18.50 -32.87
N HIS A 142 25.19 17.36 -32.49
CA HIS A 142 26.08 16.63 -33.39
C HIS A 142 25.60 15.19 -33.54
N PRO A 143 26.00 14.52 -34.63
CA PRO A 143 25.58 13.13 -34.90
C PRO A 143 26.13 12.04 -33.93
N VAL A 144 27.30 12.26 -33.34
CA VAL A 144 27.84 11.29 -32.39
C VAL A 144 27.01 11.24 -31.12
N SER A 145 26.14 12.24 -30.97
CA SER A 145 25.45 12.52 -29.71
C SER A 145 24.81 11.32 -29.06
N PHE A 146 24.11 10.55 -29.88
CA PHE A 146 23.42 9.40 -29.35
C PHE A 146 24.42 8.43 -28.73
N ILE A 147 25.51 8.19 -29.43
CA ILE A 147 26.57 7.34 -28.89
C ILE A 147 27.17 7.91 -27.60
N GLU A 148 27.18 9.24 -27.48
CA GLU A 148 27.74 9.90 -26.30
C GLU A 148 26.90 9.67 -25.04
N ASP A 149 25.59 9.81 -25.17
CA ASP A 149 24.69 9.68 -24.04
C ASP A 149 23.38 9.00 -24.46
N PRO A 150 23.43 7.66 -24.62
CA PRO A 150 22.32 6.89 -25.19
C PRO A 150 20.97 7.12 -24.52
N VAL A 151 20.96 7.53 -23.26
CA VAL A 151 19.69 7.81 -22.57
C VAL A 151 18.89 8.85 -23.34
N ARG A 152 19.60 9.75 -24.01
CA ARG A 152 19.00 10.80 -24.81
C ARG A 152 18.01 10.25 -25.81
N ILE A 153 18.28 9.04 -26.27
CA ILE A 153 17.40 8.36 -27.21
C ILE A 153 15.97 8.48 -26.74
N LEU A 154 15.76 8.22 -25.46
CA LEU A 154 14.43 8.31 -24.89
C LEU A 154 14.02 9.77 -24.76
N ARG A 155 14.90 10.56 -24.14
CA ARG A 155 14.59 11.95 -23.86
C ARG A 155 14.08 12.65 -25.12
N ALA A 156 14.78 12.39 -26.23
CA ALA A 156 14.38 12.89 -27.54
C ALA A 156 12.91 12.64 -27.77
N LEU A 157 12.58 11.36 -27.87
CA LEU A 157 11.21 10.94 -28.04
C LEU A 157 10.34 11.57 -26.97
N ARG A 158 10.85 11.55 -25.73
CA ARG A 158 10.12 12.10 -24.60
C ARG A 158 9.71 13.54 -24.89
N PHE A 159 10.68 14.33 -25.31
CA PHE A 159 10.39 15.71 -25.68
C PHE A 159 9.35 15.70 -26.79
N ALA A 160 9.63 14.95 -27.85
CA ALA A 160 8.72 14.83 -28.98
C ALA A 160 7.32 14.42 -28.52
N GLY A 161 7.27 13.66 -27.43
CA GLY A 161 5.99 13.26 -26.87
C GLY A 161 5.28 14.40 -26.17
N ARG A 162 5.99 15.09 -25.28
CA ARG A 162 5.35 16.06 -24.39
C ARG A 162 4.87 17.30 -25.12
N LEU A 163 5.72 17.79 -26.00
CA LEU A 163 5.47 19.02 -26.74
C LEU A 163 4.94 18.77 -28.15
N ASN A 164 4.74 17.50 -28.50
CA ASN A 164 4.31 17.13 -29.85
C ASN A 164 5.33 17.61 -30.87
N PHE A 165 6.52 16.99 -30.85
CA PHE A 165 7.55 17.37 -31.79
C PHE A 165 7.91 16.22 -32.72
N LYS A 166 8.54 16.55 -33.84
CA LYS A 166 9.04 15.55 -34.77
C LYS A 166 10.56 15.49 -34.65
N LEU A 167 11.13 14.31 -34.85
CA LEU A 167 12.58 14.18 -34.82
C LEU A 167 13.14 14.75 -36.11
N SER A 168 14.32 15.37 -36.04
CA SER A 168 15.01 15.72 -37.26
C SER A 168 15.25 14.46 -38.04
N ARG A 169 15.24 14.58 -39.36
CA ARG A 169 15.45 13.46 -40.26
C ARG A 169 16.76 12.74 -39.92
N SER A 170 17.84 13.50 -39.97
CA SER A 170 19.15 12.98 -39.65
C SER A 170 19.05 12.34 -38.28
N THR A 171 18.49 13.09 -37.33
CA THR A 171 18.28 12.61 -35.97
C THR A 171 17.54 11.29 -35.96
N GLU A 172 16.56 11.17 -36.84
CA GLU A 172 15.75 9.97 -36.92
C GLU A 172 16.64 8.78 -37.28
N LYS A 173 17.44 8.92 -38.34
CA LYS A 173 18.29 7.81 -38.76
C LYS A 173 19.31 7.50 -37.68
N LEU A 174 19.87 8.55 -37.11
CA LEU A 174 20.84 8.46 -36.04
C LEU A 174 20.29 7.61 -34.90
N LEU A 175 19.06 7.91 -34.51
CA LEU A 175 18.43 7.24 -33.39
C LEU A 175 18.14 5.80 -33.72
N LYS A 176 17.64 5.53 -34.92
CA LYS A 176 17.37 4.15 -35.29
C LYS A 176 18.67 3.34 -35.29
N GLN A 177 19.75 3.97 -35.75
CA GLN A 177 21.07 3.37 -35.69
C GLN A 177 21.44 3.01 -34.25
N ALA A 178 21.54 4.02 -33.41
CA ALA A 178 21.92 3.88 -32.00
C ALA A 178 21.10 2.79 -31.31
N VAL A 179 19.78 2.87 -31.46
CA VAL A 179 18.90 1.83 -30.97
C VAL A 179 19.43 0.49 -31.45
N ASN A 180 19.43 0.31 -32.78
CA ASN A 180 19.86 -0.93 -33.41
C ASN A 180 21.22 -1.41 -32.91
N LEU A 181 22.11 -0.47 -32.61
CA LEU A 181 23.44 -0.77 -32.09
C LEU A 181 23.39 -1.25 -30.65
N GLY A 182 22.20 -1.24 -30.07
CA GLY A 182 21.99 -1.79 -28.75
C GLY A 182 22.70 -0.97 -27.70
N LEU A 183 23.01 0.28 -28.05
CA LEU A 183 23.59 1.21 -27.10
C LEU A 183 22.65 1.34 -25.91
N LEU A 184 21.36 1.25 -26.21
CA LEU A 184 20.32 1.31 -25.20
C LEU A 184 20.58 0.28 -24.12
N LYS A 185 21.06 -0.89 -24.52
CA LYS A 185 21.48 -1.89 -23.55
C LYS A 185 22.75 -1.46 -22.81
N GLU A 186 23.81 -1.13 -23.54
CA GLU A 186 25.11 -0.95 -22.91
C GLU A 186 25.20 0.29 -22.04
N ALA A 187 24.24 1.19 -22.16
CA ALA A 187 24.18 2.35 -21.27
C ALA A 187 23.94 1.89 -19.83
N PRO A 188 24.55 2.58 -18.85
CA PRO A 188 24.29 2.23 -17.45
C PRO A 188 22.80 2.27 -17.12
N ARG A 189 22.32 1.18 -16.53
CA ARG A 189 20.90 0.96 -16.36
C ARG A 189 20.26 2.04 -15.50
N GLY A 190 20.99 2.49 -14.49
CA GLY A 190 20.46 3.46 -13.55
C GLY A 190 19.86 4.68 -14.22
N ARG A 191 20.65 5.30 -15.10
CA ARG A 191 20.22 6.48 -15.81
C ARG A 191 18.99 6.20 -16.67
N LEU A 192 18.94 4.98 -17.20
CA LEU A 192 17.86 4.58 -18.10
C LEU A 192 16.55 4.47 -17.34
N ILE A 193 16.57 3.75 -16.23
CA ILE A 193 15.39 3.61 -15.39
C ILE A 193 14.97 5.00 -14.89
N ASN A 194 15.96 5.82 -14.53
CA ASN A 194 15.70 7.21 -14.18
C ASN A 194 14.86 7.86 -15.26
N GLU A 195 15.34 7.76 -16.49
CA GLU A 195 14.65 8.36 -17.62
C GLU A 195 13.23 7.84 -17.72
N ILE A 196 13.08 6.53 -17.77
CA ILE A 196 11.77 5.91 -17.95
C ILE A 196 10.80 6.40 -16.88
N LYS A 197 11.32 6.51 -15.66
CA LYS A 197 10.58 7.12 -14.57
C LYS A 197 10.08 8.49 -14.98
N LEU A 198 11.00 9.34 -15.39
CA LEU A 198 10.64 10.72 -15.69
C LEU A 198 9.74 10.82 -16.92
N ALA A 199 9.72 9.74 -17.69
CA ALA A 199 8.93 9.65 -18.88
C ALA A 199 7.50 9.34 -18.52
N LEU A 200 7.33 8.46 -17.53
CA LEU A 200 5.98 8.04 -17.17
C LEU A 200 5.27 9.04 -16.26
N ARG A 201 5.98 10.10 -15.86
CA ARG A 201 5.38 11.18 -15.07
C ARG A 201 4.71 12.18 -16.01
N GLU A 202 4.76 11.88 -17.31
CA GLU A 202 4.25 12.77 -18.36
C GLU A 202 2.75 12.66 -18.58
N ASP A 203 2.13 13.79 -18.96
CA ASP A 203 0.72 13.83 -19.33
C ASP A 203 0.53 13.32 -20.76
N ARG A 204 1.56 13.50 -21.57
CA ARG A 204 1.55 13.05 -22.96
C ARG A 204 2.09 11.62 -23.08
N PHE A 205 2.31 10.99 -21.93
CA PHE A 205 3.04 9.72 -21.82
C PHE A 205 2.61 8.64 -22.82
N LEU A 206 1.33 8.64 -23.18
CA LEU A 206 0.85 7.69 -24.17
C LEU A 206 1.55 7.91 -25.51
N GLU A 207 1.62 9.17 -25.96
CA GLU A 207 2.30 9.50 -27.21
C GLU A 207 3.75 9.05 -27.14
N ILE A 208 4.34 9.21 -25.95
CA ILE A 208 5.71 8.76 -25.75
C ILE A 208 5.74 7.25 -25.99
N LEU A 209 4.73 6.54 -25.50
CA LEU A 209 4.68 5.12 -25.74
C LEU A 209 4.55 4.85 -27.24
N GLU A 210 3.85 5.72 -27.95
CA GLU A 210 3.74 5.62 -29.40
C GLU A 210 5.12 5.66 -30.04
N LEU A 211 5.95 6.58 -29.55
CA LEU A 211 7.29 6.71 -30.08
C LEU A 211 8.18 5.55 -29.64
N TYR A 212 8.00 5.11 -28.40
CA TYR A 212 8.66 3.95 -27.85
C TYR A 212 8.49 2.76 -28.78
N ARG A 213 7.24 2.36 -28.96
CA ARG A 213 6.87 1.29 -29.87
C ARG A 213 7.40 1.55 -31.27
N LYS A 214 7.35 2.80 -31.71
CA LYS A 214 7.82 3.19 -33.03
C LYS A 214 9.28 2.78 -33.24
N TYR A 215 10.12 3.10 -32.27
CA TYR A 215 11.54 2.74 -32.35
C TYR A 215 11.87 1.47 -31.59
N ARG A 216 10.84 0.83 -31.05
CA ARG A 216 10.99 -0.47 -30.37
C ARG A 216 12.03 -0.40 -29.27
N VAL A 217 12.13 0.74 -28.61
CA VAL A 217 13.16 0.95 -27.60
C VAL A 217 12.99 0.00 -26.41
N LEU A 218 11.74 -0.28 -26.08
CA LEU A 218 11.42 -1.08 -24.91
C LEU A 218 11.95 -2.51 -25.03
N GLU A 219 12.03 -3.01 -26.25
CA GLU A 219 12.55 -4.35 -26.50
C GLU A 219 14.03 -4.45 -26.16
N GLU A 220 14.71 -3.30 -26.14
CA GLU A 220 16.12 -3.23 -25.74
C GLU A 220 16.26 -2.84 -24.28
N ILE A 221 15.13 -2.74 -23.59
CA ILE A 221 15.12 -2.25 -22.21
C ILE A 221 14.74 -3.31 -21.18
N ILE A 222 13.51 -3.85 -21.27
CA ILE A 222 13.01 -4.81 -20.28
C ILE A 222 13.09 -6.26 -20.79
N GLU A 223 13.36 -7.21 -19.88
CA GLU A 223 13.57 -8.61 -20.25
C GLU A 223 12.27 -9.35 -20.60
N GLY A 224 12.19 -9.84 -21.83
CA GLY A 224 11.08 -10.66 -22.27
C GLY A 224 9.87 -9.92 -22.81
N PHE A 225 9.94 -8.59 -22.92
CA PHE A 225 8.80 -7.80 -23.37
C PHE A 225 8.72 -7.63 -24.89
N GLN A 226 7.50 -7.73 -25.41
CA GLN A 226 7.21 -7.36 -26.80
C GLN A 226 5.77 -6.87 -26.88
N TRP A 227 5.44 -6.20 -27.98
CA TRP A 227 4.14 -5.56 -28.13
C TRP A 227 3.11 -6.44 -28.85
N ASN A 228 1.90 -6.49 -28.31
CA ASN A 228 0.77 -7.12 -28.99
C ASN A 228 -0.43 -6.18 -29.06
N GLU A 229 -1.35 -6.47 -29.99
CA GLU A 229 -2.46 -5.59 -30.28
C GLU A 229 -3.33 -5.30 -29.06
N LYS A 230 -3.74 -6.38 -28.38
CA LYS A 230 -4.63 -6.29 -27.23
C LYS A 230 -4.07 -5.35 -26.19
N VAL A 231 -2.76 -5.39 -26.00
CA VAL A 231 -2.08 -4.49 -25.09
C VAL A 231 -2.38 -3.04 -25.46
N LEU A 232 -2.21 -2.72 -26.73
CA LEU A 232 -2.43 -1.38 -27.23
C LEU A 232 -3.87 -0.95 -26.99
N GLN A 233 -4.79 -1.82 -27.36
CA GLN A 233 -6.23 -1.57 -27.16
C GLN A 233 -6.50 -1.19 -25.71
N LYS A 234 -6.03 -2.02 -24.79
CA LYS A 234 -6.29 -1.79 -23.38
C LYS A 234 -5.53 -0.58 -22.87
N LEU A 235 -4.51 -0.17 -23.61
CA LEU A 235 -3.77 1.05 -23.28
C LEU A 235 -4.60 2.29 -23.60
N TYR A 236 -5.11 2.37 -24.83
CA TYR A 236 -5.98 3.47 -25.22
C TYR A 236 -7.20 3.52 -24.31
N ALA A 237 -7.83 2.35 -24.13
CA ALA A 237 -8.96 2.20 -23.23
C ALA A 237 -8.63 2.74 -21.85
N LEU A 238 -7.43 2.42 -21.40
CA LEU A 238 -6.94 2.96 -20.15
C LEU A 238 -6.94 4.48 -20.19
N ARG A 239 -6.52 5.07 -21.32
CA ARG A 239 -6.48 6.53 -21.40
C ARG A 239 -7.88 7.10 -21.22
N LYS A 240 -8.85 6.44 -21.83
CA LYS A 240 -10.23 6.86 -21.67
C LYS A 240 -10.62 6.81 -20.18
N VAL A 241 -10.35 5.68 -19.54
CA VAL A 241 -10.70 5.48 -18.13
C VAL A 241 -10.08 6.57 -17.24
N VAL A 242 -8.78 6.77 -17.40
CA VAL A 242 -8.04 7.75 -16.61
C VAL A 242 -8.59 9.15 -16.85
N ASP A 243 -8.86 9.48 -18.12
CA ASP A 243 -9.50 10.75 -18.45
C ASP A 243 -10.77 10.93 -17.61
N TRP A 244 -11.60 9.89 -17.61
CA TRP A 244 -12.88 9.97 -16.90
C TRP A 244 -12.76 10.09 -15.38
N HIS A 245 -12.07 9.14 -14.74
CA HIS A 245 -11.97 9.14 -13.27
C HIS A 245 -11.20 10.37 -12.80
N ALA A 246 -10.32 10.89 -13.65
CA ALA A 246 -9.66 12.15 -13.35
C ALA A 246 -10.68 13.28 -13.42
N LEU A 247 -11.62 13.19 -14.34
CA LEU A 247 -12.67 14.20 -14.44
C LEU A 247 -13.59 14.23 -13.22
N GLU A 248 -14.14 13.07 -12.87
CA GLU A 248 -15.17 13.00 -11.83
C GLU A 248 -14.69 13.29 -10.43
N PHE A 249 -13.67 12.56 -9.99
CA PHE A 249 -13.16 12.76 -8.64
C PHE A 249 -11.77 13.38 -8.70
N SER A 250 -11.70 14.66 -8.36
CA SER A 250 -10.45 15.39 -8.43
C SER A 250 -9.61 15.14 -7.19
N GLU A 251 -10.24 14.62 -6.14
CA GLU A 251 -9.52 14.31 -4.92
C GLU A 251 -9.07 12.85 -4.88
N GLU A 252 -9.58 12.04 -5.81
CA GLU A 252 -9.27 10.61 -5.84
C GLU A 252 -8.12 10.28 -6.77
N ARG A 253 -7.53 11.31 -7.37
CA ARG A 253 -6.48 11.12 -8.35
C ARG A 253 -5.29 10.32 -7.82
N ILE A 254 -4.64 9.57 -8.70
CA ILE A 254 -3.32 9.02 -8.43
C ILE A 254 -2.39 9.37 -9.58
N ASP A 255 -1.13 8.93 -9.51
CA ASP A 255 -0.25 9.11 -10.65
C ASP A 255 -0.49 7.95 -11.59
N TYR A 256 -1.04 8.25 -12.77
CA TYR A 256 -1.64 7.22 -13.59
C TYR A 256 -0.65 6.52 -14.50
N GLY A 257 0.51 7.16 -14.69
CA GLY A 257 1.55 6.64 -15.56
C GLY A 257 1.89 5.19 -15.25
N TRP A 258 2.01 4.90 -13.96
CA TRP A 258 2.32 3.56 -13.48
C TRP A 258 1.44 2.52 -14.15
N LEU A 259 0.14 2.81 -14.19
CA LEU A 259 -0.84 1.89 -14.77
C LEU A 259 -0.39 1.43 -16.14
N TYR A 260 -0.08 2.39 -16.99
CA TYR A 260 0.37 2.11 -18.34
C TYR A 260 1.65 1.29 -18.31
N LEU A 261 2.58 1.68 -17.43
CA LEU A 261 3.78 0.87 -17.24
C LEU A 261 3.38 -0.57 -16.95
N LEU A 262 2.45 -0.72 -16.01
CA LEU A 262 1.95 -2.02 -15.64
C LEU A 262 1.34 -2.73 -16.84
N ILE A 263 0.57 -2.00 -17.64
CA ILE A 263 -0.11 -2.61 -18.79
C ILE A 263 0.90 -3.19 -19.76
N LEU A 264 2.10 -2.62 -19.74
CA LEU A 264 3.17 -3.16 -20.57
C LEU A 264 3.67 -4.50 -20.04
N ILE A 265 3.85 -4.60 -18.73
CA ILE A 265 4.50 -5.77 -18.13
C ILE A 265 3.53 -6.91 -17.85
N SER A 266 2.26 -6.72 -18.24
CA SER A 266 1.20 -7.67 -17.96
C SER A 266 1.47 -9.10 -18.47
N ASN A 267 1.82 -9.20 -19.75
CA ASN A 267 2.06 -10.50 -20.35
C ASN A 267 3.39 -11.09 -19.89
N LEU A 268 4.19 -10.28 -19.22
CA LEU A 268 5.47 -10.74 -18.69
C LEU A 268 5.28 -11.61 -17.45
N ASP A 269 6.32 -12.36 -17.13
CA ASP A 269 6.34 -13.17 -15.92
C ASP A 269 6.29 -12.28 -14.68
N TYR A 270 5.84 -12.88 -13.59
CA TYR A 270 5.75 -12.18 -12.31
C TYR A 270 7.14 -11.99 -11.70
N GLU A 271 8.04 -12.94 -11.94
CA GLU A 271 9.40 -12.84 -11.41
C GLU A 271 10.12 -11.62 -11.99
N ARG A 272 10.23 -11.59 -13.31
CA ARG A 272 10.92 -10.52 -14.02
C ARG A 272 10.14 -9.21 -13.94
N GLY A 273 8.83 -9.31 -13.75
CA GLY A 273 7.97 -8.15 -13.64
C GLY A 273 8.09 -7.42 -12.31
N LYS A 274 8.06 -8.18 -11.22
CA LYS A 274 8.25 -7.61 -9.89
C LYS A 274 9.70 -7.15 -9.73
N HIS A 275 10.63 -7.92 -10.30
CA HIS A 275 12.01 -7.48 -10.33
C HIS A 275 12.13 -6.16 -11.06
N PHE A 276 11.38 -6.02 -12.15
CA PHE A 276 11.42 -4.80 -12.95
C PHE A 276 10.76 -3.62 -12.25
N LEU A 277 9.73 -3.89 -11.45
CA LEU A 277 9.04 -2.82 -10.74
C LEU A 277 9.83 -2.33 -9.54
N GLU A 278 10.41 -3.28 -8.81
CA GLU A 278 11.35 -2.94 -7.74
C GLU A 278 12.52 -2.18 -8.35
N GLU A 279 12.89 -2.61 -9.55
CA GLU A 279 13.89 -1.93 -10.36
C GLU A 279 13.43 -0.51 -10.69
N MET A 280 12.12 -0.35 -10.85
CA MET A 280 11.53 0.94 -11.20
C MET A 280 11.20 1.76 -9.96
N SER A 281 11.57 1.24 -8.80
CA SER A 281 11.26 1.88 -7.52
C SER A 281 9.78 2.17 -7.40
N ALA A 282 8.97 1.27 -7.96
CA ALA A 282 7.53 1.38 -7.88
C ALA A 282 7.11 1.34 -6.42
N PRO A 283 6.20 2.24 -6.04
CA PRO A 283 5.62 2.30 -4.69
C PRO A 283 4.99 0.98 -4.29
N SER A 284 4.82 0.77 -3.00
CA SER A 284 4.30 -0.49 -2.47
C SER A 284 3.04 -0.94 -3.19
N TRP A 285 1.99 -0.13 -3.11
CA TRP A 285 0.70 -0.44 -3.73
C TRP A 285 0.79 -0.74 -5.22
N VAL A 286 1.85 -0.24 -5.88
CA VAL A 286 2.05 -0.52 -7.29
C VAL A 286 2.45 -1.97 -7.53
N ARG A 287 3.51 -2.39 -6.84
CA ARG A 287 3.99 -3.77 -6.95
C ARG A 287 2.97 -4.73 -6.39
N GLU A 288 2.23 -4.27 -5.40
CA GLU A 288 1.12 -5.02 -4.83
C GLU A 288 0.03 -5.18 -5.88
N THR A 289 -0.22 -4.13 -6.66
CA THR A 289 -1.17 -4.18 -7.75
C THR A 289 -0.71 -5.20 -8.80
N TYR A 290 0.60 -5.25 -9.03
CA TYR A 290 1.18 -6.24 -9.93
C TYR A 290 0.90 -7.67 -9.40
N LYS A 291 1.19 -7.88 -8.12
CA LYS A 291 0.96 -9.18 -7.49
C LYS A 291 -0.50 -9.63 -7.59
N PHE A 292 -1.42 -8.73 -7.24
CA PHE A 292 -2.84 -9.05 -7.22
C PHE A 292 -3.39 -9.26 -8.62
N MET A 293 -2.83 -8.55 -9.60
CA MET A 293 -3.27 -8.74 -10.99
C MET A 293 -2.75 -10.06 -11.53
N LYS A 294 -1.53 -10.44 -11.13
CA LYS A 294 -0.93 -11.67 -11.60
C LYS A 294 -1.59 -12.90 -10.99
N PHE A 295 -1.97 -12.82 -9.71
CA PHE A 295 -2.49 -14.00 -9.03
C PHE A 295 -4.01 -14.16 -9.11
N LYS A 296 -4.73 -13.31 -8.38
CA LYS A 296 -6.16 -13.55 -8.13
C LYS A 296 -7.15 -12.79 -9.03
N LEU A 297 -6.62 -12.05 -10.00
CA LEU A 297 -7.44 -11.20 -10.87
C LEU A 297 -8.52 -11.95 -11.64
N GLY A 298 -8.21 -13.16 -12.09
CA GLY A 298 -9.16 -13.97 -12.82
C GLY A 298 -10.37 -14.28 -11.96
N SER A 299 -10.10 -14.80 -10.77
CA SER A 299 -11.14 -15.07 -9.79
C SER A 299 -11.85 -13.78 -9.41
N LEU A 300 -11.10 -12.68 -9.46
CA LEU A 300 -11.62 -11.37 -9.12
C LEU A 300 -12.71 -10.91 -10.09
N LYS A 301 -12.39 -10.88 -11.37
CA LYS A 301 -13.36 -10.50 -12.39
C LYS A 301 -14.50 -11.51 -12.50
N GLU A 302 -14.17 -12.79 -12.30
CA GLU A 302 -15.17 -13.85 -12.26
C GLU A 302 -16.24 -13.59 -11.19
N GLU A 303 -15.81 -13.57 -9.94
CA GLU A 303 -16.72 -13.38 -8.81
C GLU A 303 -17.35 -11.98 -8.83
N LEU A 304 -16.69 -11.05 -9.49
CA LEU A 304 -17.29 -9.74 -9.73
C LEU A 304 -18.49 -9.88 -10.66
N LYS A 305 -18.33 -10.70 -11.69
CA LYS A 305 -19.43 -11.01 -12.60
C LYS A 305 -20.40 -11.99 -11.94
N LYS A 306 -19.89 -12.77 -10.99
CA LYS A 306 -20.70 -13.77 -10.30
C LYS A 306 -21.51 -13.15 -9.17
N ALA A 307 -21.35 -11.84 -8.99
CA ALA A 307 -22.09 -11.12 -7.95
C ALA A 307 -23.41 -10.58 -8.50
N LYS A 308 -24.51 -11.09 -7.96
CA LYS A 308 -25.84 -10.70 -8.40
C LYS A 308 -26.33 -9.40 -7.74
N GLU A 309 -25.99 -9.21 -6.47
CA GLU A 309 -26.47 -8.06 -5.71
C GLU A 309 -25.41 -6.97 -5.59
N ASN A 310 -25.87 -5.72 -5.61
CA ASN A 310 -24.99 -4.56 -5.53
C ASN A 310 -24.10 -4.58 -4.29
N TYR A 311 -24.63 -5.08 -3.18
CA TYR A 311 -23.89 -5.16 -1.93
C TYR A 311 -22.77 -6.19 -1.97
N GLU A 312 -22.96 -7.26 -2.73
CA GLU A 312 -21.90 -8.26 -2.88
C GLU A 312 -20.75 -7.66 -3.64
N VAL A 313 -21.07 -6.87 -4.67
CA VAL A 313 -20.08 -6.11 -5.41
C VAL A 313 -19.36 -5.17 -4.45
N TYR A 314 -20.15 -4.55 -3.57
CA TYR A 314 -19.62 -3.67 -2.53
C TYR A 314 -18.60 -4.37 -1.64
N ARG A 315 -18.94 -5.59 -1.21
CA ARG A 315 -18.11 -6.35 -0.30
C ARG A 315 -16.87 -6.89 -1.00
N LEU A 316 -16.97 -7.07 -2.32
CA LEU A 316 -15.83 -7.54 -3.10
C LEU A 316 -14.84 -6.42 -3.40
N LEU A 317 -15.34 -5.21 -3.66
CA LEU A 317 -14.49 -4.11 -4.11
C LEU A 317 -13.95 -3.21 -2.99
N LYS A 318 -14.46 -3.39 -1.77
CA LYS A 318 -14.07 -2.50 -0.66
C LYS A 318 -12.59 -2.60 -0.23
N PRO A 319 -12.09 -3.82 0.06
CA PRO A 319 -10.73 -3.85 0.61
C PRO A 319 -9.67 -3.42 -0.40
N LEU A 320 -10.02 -3.50 -1.69
CA LEU A 320 -9.05 -3.30 -2.75
C LEU A 320 -8.70 -1.84 -3.03
N HIS A 321 -7.53 -1.65 -3.64
CA HIS A 321 -6.98 -0.34 -3.97
C HIS A 321 -7.73 0.31 -5.14
N THR A 322 -7.68 1.64 -5.24
CA THR A 322 -8.41 2.36 -6.28
C THR A 322 -7.85 2.10 -7.69
N SER A 323 -6.52 2.16 -7.81
CA SER A 323 -5.85 1.91 -9.08
C SER A 323 -6.27 0.58 -9.67
N VAL A 324 -6.41 -0.41 -8.79
CA VAL A 324 -6.86 -1.73 -9.19
C VAL A 324 -8.27 -1.67 -9.77
N LEU A 325 -9.13 -0.84 -9.18
CA LEU A 325 -10.49 -0.65 -9.70
C LEU A 325 -10.44 -0.03 -11.09
N LEU A 326 -9.60 0.99 -11.22
CA LEU A 326 -9.40 1.67 -12.49
C LEU A 326 -8.95 0.67 -13.55
N LEU A 327 -8.12 -0.29 -13.14
CA LEU A 327 -7.67 -1.36 -14.02
C LEU A 327 -8.81 -2.32 -14.34
N LEU A 328 -9.76 -2.44 -13.42
CA LEU A 328 -10.90 -3.34 -13.58
C LEU A 328 -11.96 -2.75 -14.51
N MET A 329 -11.91 -1.44 -14.72
CA MET A 329 -12.89 -0.78 -15.59
C MET A 329 -12.71 -1.07 -17.09
N LEU A 330 -11.56 -1.63 -17.47
CA LEU A 330 -11.22 -1.88 -18.87
C LEU A 330 -12.22 -2.78 -19.58
N GLU A 331 -12.86 -3.66 -18.82
CA GLU A 331 -13.83 -4.59 -19.37
C GLU A 331 -15.19 -3.91 -19.53
N GLU A 332 -15.70 -3.89 -20.75
CA GLU A 332 -16.95 -3.21 -21.11
C GLU A 332 -18.10 -3.58 -20.16
N GLU A 333 -18.15 -4.85 -19.79
CA GLU A 333 -19.21 -5.38 -18.95
C GLU A 333 -19.20 -4.80 -17.54
N LEU A 334 -18.01 -4.49 -17.04
CA LEU A 334 -17.87 -4.08 -15.65
C LEU A 334 -17.93 -2.57 -15.49
N LYS A 335 -18.07 -1.86 -16.61
CA LYS A 335 -18.07 -0.40 -16.61
C LYS A 335 -19.20 0.19 -15.77
N GLU A 336 -20.42 -0.18 -16.09
CA GLU A 336 -21.59 0.32 -15.37
C GLU A 336 -21.59 -0.16 -13.92
N LYS A 337 -20.96 -1.31 -13.68
CA LYS A 337 -20.84 -1.85 -12.34
C LYS A 337 -19.98 -0.94 -11.47
N ILE A 338 -18.77 -0.66 -11.95
CA ILE A 338 -17.87 0.24 -11.24
C ILE A 338 -18.49 1.64 -11.15
N LYS A 339 -19.27 2.01 -12.16
CA LYS A 339 -19.95 3.31 -12.17
C LYS A 339 -20.97 3.40 -11.03
N LEU A 340 -21.71 2.31 -10.83
CA LEU A 340 -22.67 2.23 -9.74
C LEU A 340 -21.97 2.25 -8.38
N TYR A 341 -20.94 1.42 -8.24
CA TYR A 341 -20.18 1.33 -6.99
C TYR A 341 -19.65 2.70 -6.60
N LEU A 342 -18.94 3.34 -7.53
CA LEU A 342 -18.28 4.61 -7.24
C LEU A 342 -19.26 5.76 -7.06
N GLU A 343 -20.29 5.82 -7.89
CA GLU A 343 -21.21 6.96 -7.83
C GLU A 343 -22.38 6.80 -6.86
N LYS A 344 -22.66 5.59 -6.42
CA LYS A 344 -23.88 5.37 -5.64
C LYS A 344 -23.69 4.56 -4.35
N LEU A 345 -23.40 3.28 -4.52
CA LEU A 345 -23.44 2.32 -3.43
C LEU A 345 -22.56 2.73 -2.24
N ARG A 346 -21.40 3.30 -2.55
CA ARG A 346 -20.45 3.67 -1.51
C ARG A 346 -20.81 5.01 -0.89
N LYS A 347 -21.86 5.64 -1.41
CA LYS A 347 -22.26 6.95 -0.91
C LYS A 347 -23.37 6.91 0.14
N VAL A 348 -23.84 5.71 0.46
CA VAL A 348 -25.01 5.57 1.34
C VAL A 348 -24.64 5.59 2.83
N LYS A 349 -25.41 6.34 3.61
CA LYS A 349 -25.11 6.52 5.04
C LYS A 349 -26.30 6.18 5.95
N LEU A 350 -26.12 6.42 7.25
CA LEU A 350 -27.07 5.97 8.27
C LEU A 350 -27.32 6.99 9.39
N PRO A 351 -28.54 6.99 9.96
CA PRO A 351 -29.01 7.77 11.12
C PRO A 351 -28.61 7.20 12.49
N LYS A 352 -29.19 7.76 13.56
CA LYS A 352 -28.83 7.41 14.94
C LYS A 352 -29.76 6.41 15.62
N GLU A 353 -31.03 6.77 15.77
CA GLU A 353 -31.99 6.01 16.58
C GLU A 353 -31.98 4.51 16.32
N LYS A 354 -31.89 4.15 15.04
CA LYS A 354 -31.85 2.75 14.66
C LYS A 354 -30.61 2.05 15.23
N ILE A 355 -29.45 2.69 15.09
CA ILE A 355 -28.20 2.17 15.67
C ILE A 355 -28.38 1.85 17.14
N GLU A 356 -28.96 2.82 17.85
CA GLU A 356 -29.23 2.69 19.27
C GLU A 356 -30.25 1.58 19.55
N GLU A 357 -31.07 1.26 18.55
CA GLU A 357 -32.00 0.14 18.66
C GLU A 357 -31.31 -1.21 18.41
N LEU A 358 -30.25 -1.21 17.61
CA LEU A 358 -29.45 -2.41 17.37
C LEU A 358 -28.53 -2.66 18.54
N LYS A 359 -28.25 -1.60 19.28
CA LYS A 359 -27.48 -1.68 20.52
C LYS A 359 -28.35 -2.18 21.67
N LYS A 360 -29.65 -1.90 21.58
CA LYS A 360 -30.60 -2.20 22.65
C LYS A 360 -30.14 -1.59 23.98
N GLU A 367 -21.32 -7.91 16.79
CA GLU A 367 -22.77 -8.03 16.72
C GLU A 367 -23.40 -6.78 16.12
N LEU A 368 -22.80 -5.62 16.41
CA LEU A 368 -23.26 -4.36 15.85
C LEU A 368 -22.93 -4.28 14.35
N GLY A 369 -21.67 -4.51 14.03
CA GLY A 369 -21.20 -4.44 12.65
C GLY A 369 -21.84 -5.51 11.78
N GLU A 370 -22.27 -6.59 12.42
CA GLU A 370 -23.06 -7.61 11.75
C GLU A 370 -24.35 -6.97 11.25
N ARG A 371 -25.09 -6.37 12.18
CA ARG A 371 -26.38 -5.76 11.89
C ARG A 371 -26.26 -4.59 10.89
N ILE A 372 -25.17 -3.85 10.98
CA ILE A 372 -24.91 -2.76 10.05
C ILE A 372 -24.64 -3.29 8.64
N GLU A 373 -23.78 -4.30 8.56
CA GLU A 373 -23.54 -4.99 7.29
C GLU A 373 -24.84 -5.53 6.72
N GLU A 374 -25.74 -5.96 7.61
CA GLU A 374 -27.03 -6.48 7.23
C GLU A 374 -27.90 -5.41 6.59
N LEU A 375 -28.04 -4.27 7.27
CA LEU A 375 -28.82 -3.16 6.73
C LEU A 375 -28.22 -2.66 5.41
N LYS A 376 -26.89 -2.74 5.30
CA LYS A 376 -26.20 -2.45 4.05
C LYS A 376 -26.66 -3.37 2.93
N ARG A 377 -26.56 -4.67 3.18
CA ARG A 377 -27.02 -5.68 2.22
C ARG A 377 -28.47 -5.45 1.81
N GLU A 378 -29.30 -5.06 2.77
CA GLU A 378 -30.72 -4.83 2.52
C GLU A 378 -30.98 -3.65 1.60
N ILE A 379 -30.45 -2.47 1.97
CA ILE A 379 -30.79 -1.25 1.23
C ILE A 379 -29.99 -1.11 -0.08
N MET A 380 -28.86 -1.81 -0.18
CA MET A 380 -27.95 -1.61 -1.31
C MET A 380 -28.39 -2.25 -2.63
N ASN A 381 -29.09 -3.38 -2.55
CA ASN A 381 -29.42 -4.19 -3.73
C ASN A 381 -30.23 -3.47 -4.80
N LYS A 382 -31.13 -2.58 -4.38
CA LYS A 382 -31.96 -1.84 -5.32
C LYS A 382 -31.16 -0.76 -6.05
N MET B 1 -27.96 -35.08 8.05
CA MET B 1 -27.30 -35.79 6.96
C MET B 1 -26.14 -36.61 7.46
N VAL B 2 -25.18 -35.93 8.06
CA VAL B 2 -23.91 -36.52 8.43
C VAL B 2 -24.12 -37.70 9.36
N GLY B 3 -25.18 -37.65 10.17
CA GLY B 3 -25.47 -38.73 11.08
C GLY B 3 -25.80 -40.03 10.38
N GLN B 4 -26.81 -39.98 9.51
CA GLN B 4 -27.23 -41.18 8.80
C GLN B 4 -26.12 -41.69 7.90
N ILE B 5 -25.33 -40.78 7.37
CA ILE B 5 -24.19 -41.16 6.54
C ILE B 5 -23.18 -41.91 7.38
N ALA B 6 -22.97 -41.41 8.59
CA ALA B 6 -22.05 -42.05 9.53
C ALA B 6 -22.52 -43.47 9.83
N LYS B 7 -23.83 -43.67 9.94
CA LYS B 7 -24.32 -45.01 10.24
C LYS B 7 -24.25 -45.93 9.02
N GLU B 8 -24.53 -45.39 7.83
CA GLU B 8 -24.34 -46.14 6.60
C GLU B 8 -22.91 -46.64 6.54
N MET B 9 -21.98 -45.75 6.86
CA MET B 9 -20.58 -46.09 6.94
C MET B 9 -20.27 -46.86 8.22
N GLY B 10 -21.15 -46.73 9.20
CA GLY B 10 -20.95 -47.33 10.51
C GLY B 10 -19.99 -46.53 11.36
N LEU B 11 -19.66 -45.32 10.93
CA LEU B 11 -18.71 -44.52 11.67
C LEU B 11 -19.35 -43.73 12.81
N ARG B 12 -18.51 -43.06 13.56
CA ARG B 12 -18.96 -42.13 14.59
C ARG B 12 -18.17 -40.85 14.38
N ALA B 13 -18.89 -39.76 14.15
CA ALA B 13 -18.24 -38.48 13.94
C ALA B 13 -18.72 -37.49 15.00
N TYR B 14 -17.92 -36.46 15.26
CA TYR B 14 -18.31 -35.44 16.21
C TYR B 14 -17.81 -34.07 15.76
N ILE B 15 -18.55 -33.01 16.07
CA ILE B 15 -17.99 -31.68 15.94
C ILE B 15 -17.07 -31.50 17.13
N VAL B 16 -16.06 -30.65 16.99
CA VAL B 16 -14.99 -30.62 17.99
C VAL B 16 -14.49 -29.22 18.36
N GLY B 17 -14.09 -29.07 19.61
CA GLY B 17 -13.29 -27.93 20.05
C GLY B 17 -13.81 -26.54 19.82
N GLY B 18 -12.98 -25.75 19.12
CA GLY B 18 -13.19 -24.32 18.96
C GLY B 18 -14.59 -24.04 18.51
N VAL B 19 -15.06 -24.85 17.57
CA VAL B 19 -16.40 -24.76 17.09
C VAL B 19 -17.36 -24.88 18.25
N VAL B 20 -17.24 -26.00 19.00
CA VAL B 20 -18.14 -26.27 20.10
C VAL B 20 -18.13 -25.12 21.09
N ARG B 21 -16.97 -24.54 21.29
CA ARG B 21 -16.86 -23.37 22.15
C ARG B 21 -17.75 -22.25 21.67
N ASP B 22 -17.42 -21.71 20.49
CA ASP B 22 -18.13 -20.56 19.95
C ASP B 22 -19.62 -20.84 19.84
N ILE B 23 -19.95 -22.11 19.63
CA ILE B 23 -21.34 -22.53 19.64
C ILE B 23 -21.91 -22.25 21.00
N LEU B 24 -21.29 -22.84 22.03
CA LEU B 24 -21.68 -22.61 23.39
C LEU B 24 -21.59 -21.13 23.73
N LEU B 25 -20.82 -20.39 22.94
CA LEU B 25 -20.68 -18.95 23.13
C LEU B 25 -21.84 -18.18 22.50
N GLY B 26 -22.82 -18.90 21.96
CA GLY B 26 -24.01 -18.28 21.41
C GLY B 26 -23.78 -17.59 20.08
N LYS B 27 -22.55 -17.65 19.60
CA LYS B 27 -22.22 -17.26 18.23
C LYS B 27 -22.66 -18.32 17.23
N GLU B 28 -22.72 -17.94 15.96
CA GLU B 28 -22.76 -18.93 14.89
C GLU B 28 -21.35 -19.06 14.29
N VAL B 29 -21.02 -20.27 13.87
CA VAL B 29 -19.77 -20.50 13.14
C VAL B 29 -20.07 -20.90 11.71
N TRP B 30 -19.22 -20.43 10.80
CA TRP B 30 -19.26 -20.84 9.41
C TRP B 30 -18.18 -21.87 9.03
N ASP B 31 -17.36 -22.25 10.00
CA ASP B 31 -16.34 -23.29 9.77
C ASP B 31 -16.51 -24.43 10.75
N VAL B 32 -16.78 -25.63 10.24
CA VAL B 32 -16.99 -26.79 11.09
C VAL B 32 -15.82 -27.74 11.13
N ASP B 33 -15.33 -28.01 12.33
CA ASP B 33 -14.30 -29.01 12.51
C ASP B 33 -14.94 -30.29 13.02
N PHE B 34 -14.97 -31.27 12.13
CA PHE B 34 -15.37 -32.63 12.43
C PHE B 34 -14.17 -33.50 12.77
N VAL B 35 -14.38 -34.43 13.69
CA VAL B 35 -13.41 -35.46 14.03
C VAL B 35 -14.12 -36.79 13.95
N VAL B 36 -13.63 -37.68 13.10
CA VAL B 36 -14.30 -38.96 12.87
C VAL B 36 -13.45 -40.12 13.33
N GLU B 37 -14.09 -41.12 13.94
CA GLU B 37 -13.42 -42.37 14.21
C GLU B 37 -13.72 -43.30 13.05
N GLY B 38 -12.73 -43.51 12.20
CA GLY B 38 -12.89 -44.26 10.97
C GLY B 38 -12.02 -43.55 9.97
N ASN B 39 -12.23 -43.79 8.68
CA ASN B 39 -11.56 -42.94 7.72
C ASN B 39 -12.45 -41.77 7.39
N ALA B 40 -12.06 -40.59 7.87
CA ALA B 40 -12.88 -39.40 7.75
C ALA B 40 -12.94 -38.96 6.29
N ILE B 41 -11.87 -39.27 5.56
CA ILE B 41 -11.73 -38.89 4.18
C ILE B 41 -12.87 -39.44 3.33
N GLU B 42 -13.26 -40.68 3.59
CA GLU B 42 -14.38 -41.26 2.88
C GLU B 42 -15.66 -40.52 3.22
N LEU B 43 -15.87 -40.28 4.51
CA LEU B 43 -17.09 -39.62 4.96
C LEU B 43 -17.27 -38.29 4.25
N ALA B 44 -16.21 -37.48 4.27
CA ALA B 44 -16.18 -36.24 3.53
C ALA B 44 -16.44 -36.44 2.04
N LYS B 45 -15.81 -37.46 1.46
CA LYS B 45 -15.90 -37.71 0.03
C LYS B 45 -17.35 -37.92 -0.38
N GLU B 46 -18.02 -38.85 0.28
CA GLU B 46 -19.39 -39.19 -0.09
C GLU B 46 -20.39 -38.15 0.40
N LEU B 47 -20.00 -37.35 1.38
CA LEU B 47 -20.86 -36.25 1.81
C LEU B 47 -20.89 -35.21 0.69
N ALA B 48 -19.71 -34.94 0.17
CA ALA B 48 -19.53 -34.02 -0.93
C ALA B 48 -20.29 -34.53 -2.15
N ARG B 49 -20.14 -35.81 -2.42
CA ARG B 49 -20.82 -36.42 -3.55
C ARG B 49 -22.34 -36.34 -3.39
N ARG B 50 -22.82 -36.60 -2.18
CA ARG B 50 -24.25 -36.52 -1.89
C ARG B 50 -24.78 -35.15 -2.22
N HIS B 51 -24.06 -34.13 -1.77
CA HIS B 51 -24.52 -32.78 -2.08
C HIS B 51 -24.05 -32.36 -3.47
N GLY B 52 -23.28 -33.22 -4.11
CA GLY B 52 -22.89 -33.01 -5.49
C GLY B 52 -21.94 -31.84 -5.64
N VAL B 53 -20.98 -31.75 -4.74
CA VAL B 53 -19.91 -30.75 -4.81
C VAL B 53 -18.58 -31.43 -4.56
N ASN B 54 -17.50 -30.70 -4.83
CA ASN B 54 -16.16 -31.28 -4.72
C ASN B 54 -15.67 -31.41 -3.29
N VAL B 55 -14.80 -32.38 -3.06
CA VAL B 55 -14.10 -32.51 -1.79
C VAL B 55 -12.60 -32.51 -2.04
N HIS B 56 -11.90 -31.50 -1.51
CA HIS B 56 -10.45 -31.48 -1.63
C HIS B 56 -9.87 -32.37 -0.55
N PRO B 57 -9.25 -33.48 -0.96
CA PRO B 57 -8.65 -34.43 -0.02
C PRO B 57 -7.29 -33.96 0.47
N PHE B 58 -6.91 -34.42 1.66
CA PHE B 58 -5.58 -34.17 2.19
C PHE B 58 -5.04 -35.39 2.92
N PRO B 59 -4.53 -36.39 2.17
CA PRO B 59 -3.92 -37.58 2.76
C PRO B 59 -2.58 -37.29 3.44
N GLU B 60 -1.93 -36.19 3.06
CA GLU B 60 -0.69 -35.78 3.74
C GLU B 60 -1.01 -35.52 5.21
N PHE B 61 -2.12 -34.84 5.45
CA PHE B 61 -2.55 -34.47 6.79
C PHE B 61 -3.53 -35.49 7.38
N GLY B 62 -4.02 -36.42 6.55
CA GLY B 62 -4.94 -37.45 7.00
C GLY B 62 -6.35 -36.94 7.29
N THR B 63 -6.78 -35.93 6.53
CA THR B 63 -8.13 -35.36 6.65
C THR B 63 -8.64 -34.96 5.27
N ALA B 64 -9.92 -34.63 5.17
CA ALA B 64 -10.45 -34.11 3.90
C ALA B 64 -11.32 -32.90 4.17
N HIS B 65 -11.41 -32.00 3.19
CA HIS B 65 -12.20 -30.78 3.37
C HIS B 65 -13.21 -30.64 2.26
N LEU B 66 -14.31 -29.95 2.53
CA LEU B 66 -15.32 -29.73 1.50
C LEU B 66 -16.17 -28.52 1.83
N LYS B 67 -16.89 -28.01 0.84
CA LYS B 67 -17.62 -26.76 0.99
C LYS B 67 -19.07 -26.87 0.51
N ILE B 68 -20.00 -26.51 1.38
CA ILE B 68 -21.42 -26.49 1.02
C ILE B 68 -22.06 -25.17 1.39
N GLY B 69 -22.47 -24.41 0.39
CA GLY B 69 -22.90 -23.05 0.59
C GLY B 69 -21.71 -22.24 1.07
N LYS B 70 -21.89 -21.49 2.14
CA LYS B 70 -20.77 -20.78 2.71
C LYS B 70 -20.11 -21.64 3.78
N LEU B 71 -20.60 -22.87 3.93
CA LEU B 71 -20.13 -23.73 5.01
C LEU B 71 -18.85 -24.46 4.66
N LYS B 72 -17.82 -24.25 5.47
CA LYS B 72 -16.52 -24.91 5.30
C LYS B 72 -16.36 -26.08 6.28
N LEU B 73 -16.42 -27.30 5.75
CA LEU B 73 -16.45 -28.49 6.59
C LEU B 73 -15.14 -29.26 6.48
N GLU B 74 -14.42 -29.32 7.58
CA GLU B 74 -13.18 -30.07 7.65
C GLU B 74 -13.36 -31.36 8.43
N PHE B 75 -13.16 -32.49 7.78
CA PHE B 75 -13.24 -33.79 8.44
C PHE B 75 -11.86 -34.33 8.73
N ALA B 76 -11.51 -34.40 10.01
CA ALA B 76 -10.22 -34.93 10.43
C ALA B 76 -10.39 -36.31 11.01
N THR B 77 -9.58 -37.24 10.51
CA THR B 77 -9.44 -38.55 11.13
C THR B 77 -8.97 -38.33 12.56
N ALA B 78 -9.45 -39.15 13.49
CA ALA B 78 -9.09 -38.97 14.89
C ALA B 78 -7.69 -39.49 15.18
N ARG B 79 -6.87 -38.69 15.88
CA ARG B 79 -5.47 -39.05 16.13
C ARG B 79 -4.99 -38.80 17.56
N ARG B 80 -3.84 -39.38 17.91
CA ARG B 80 -3.15 -39.08 19.17
C ARG B 80 -2.02 -38.07 18.97
N GLU B 81 -1.86 -37.59 17.74
CA GLU B 81 -0.79 -36.65 17.39
C GLU B 81 -1.04 -35.25 17.95
N PRO B 94 -5.80 -47.08 15.74
CA PRO B 94 -7.06 -46.33 15.77
C PRO B 94 -7.09 -45.36 16.96
N ALA B 95 -7.79 -44.24 16.83
CA ALA B 95 -7.81 -43.27 17.92
C ALA B 95 -9.21 -42.78 18.28
N SER B 96 -9.62 -43.06 19.51
CA SER B 96 -10.95 -42.70 20.00
C SER B 96 -11.11 -41.19 20.09
N LEU B 97 -12.36 -40.74 20.21
CA LEU B 97 -12.62 -39.32 20.42
C LEU B 97 -11.77 -38.76 21.56
N LYS B 98 -11.63 -39.53 22.64
CA LYS B 98 -10.96 -39.03 23.83
C LYS B 98 -9.50 -38.65 23.63
N GLU B 99 -8.74 -39.46 22.91
CA GLU B 99 -7.32 -39.16 22.68
C GLU B 99 -7.15 -37.86 21.89
N ASP B 100 -7.85 -37.77 20.76
CA ASP B 100 -7.82 -36.58 19.93
C ASP B 100 -8.27 -35.38 20.73
N LEU B 101 -9.25 -35.59 21.61
CA LEU B 101 -9.77 -34.51 22.43
C LEU B 101 -8.75 -34.01 23.43
N ILE B 102 -8.01 -34.92 24.03
CA ILE B 102 -7.09 -34.59 25.10
C ILE B 102 -5.71 -34.18 24.56
N ARG B 103 -5.51 -34.25 23.25
CA ARG B 103 -4.26 -33.73 22.70
C ARG B 103 -4.38 -32.21 22.54
N ARG B 104 -5.51 -31.66 22.98
CA ARG B 104 -5.84 -30.23 22.84
C ARG B 104 -5.05 -29.33 23.79
N ASP B 105 -5.39 -28.04 23.78
CA ASP B 105 -4.64 -27.02 24.54
C ASP B 105 -5.34 -26.54 25.80
N PHE B 106 -6.54 -25.98 25.67
CA PHE B 106 -7.26 -25.46 26.84
C PHE B 106 -8.61 -26.16 27.02
N THR B 107 -9.15 -26.09 28.24
CA THR B 107 -10.39 -26.82 28.57
C THR B 107 -11.53 -26.58 27.61
N ILE B 108 -11.90 -25.31 27.46
CA ILE B 108 -13.05 -24.96 26.66
C ILE B 108 -12.84 -25.33 25.18
N ASN B 109 -11.58 -25.44 24.78
CA ASN B 109 -11.25 -25.82 23.41
C ASN B 109 -11.05 -27.31 23.21
N ALA B 110 -11.28 -28.08 24.26
CA ALA B 110 -11.26 -29.53 24.17
C ALA B 110 -12.64 -30.17 24.06
N MET B 111 -13.72 -29.38 24.01
CA MET B 111 -15.02 -30.03 24.06
C MET B 111 -15.47 -30.50 22.70
N ALA B 112 -16.57 -31.24 22.67
CA ALA B 112 -17.03 -31.86 21.45
C ALA B 112 -18.51 -32.20 21.53
N ILE B 113 -19.13 -32.35 20.37
CA ILE B 113 -20.54 -32.66 20.30
C ILE B 113 -20.76 -33.80 19.34
N SER B 114 -21.53 -34.79 19.76
CA SER B 114 -21.84 -35.93 18.90
C SER B 114 -22.86 -35.55 17.82
N VAL B 115 -22.51 -35.78 16.57
CA VAL B 115 -23.46 -35.67 15.47
C VAL B 115 -24.04 -37.03 15.02
N ASN B 116 -23.72 -38.09 15.76
CA ASN B 116 -24.33 -39.40 15.51
C ASN B 116 -25.84 -39.36 15.78
N LEU B 117 -26.61 -40.09 14.99
CA LEU B 117 -28.07 -39.91 14.95
C LEU B 117 -28.82 -39.97 16.30
N GLU B 118 -28.77 -41.11 17.00
CA GLU B 118 -29.62 -41.27 18.18
C GLU B 118 -29.23 -40.31 19.31
N ASP B 119 -27.92 -40.05 19.45
CA ASP B 119 -27.44 -39.18 20.50
C ASP B 119 -27.29 -37.75 19.99
N TYR B 120 -27.82 -37.49 18.80
CA TYR B 120 -27.52 -36.27 18.04
C TYR B 120 -27.67 -34.99 18.84
N GLY B 121 -26.58 -34.23 18.88
CA GLY B 121 -26.53 -32.97 19.59
C GLY B 121 -25.86 -33.06 20.94
N THR B 122 -25.82 -34.25 21.52
CA THR B 122 -25.33 -34.42 22.89
C THR B 122 -23.93 -33.86 23.11
N LEU B 123 -23.78 -33.13 24.20
CA LEU B 123 -22.50 -32.52 24.53
C LEU B 123 -21.55 -33.53 25.16
N ILE B 124 -20.37 -33.67 24.57
CA ILE B 124 -19.34 -34.57 25.09
C ILE B 124 -18.27 -33.77 25.82
N ASP B 125 -18.26 -33.90 27.15
CA ASP B 125 -17.24 -33.23 27.98
C ASP B 125 -16.56 -34.20 28.93
N TYR B 126 -15.30 -34.51 28.65
CA TYR B 126 -14.51 -35.38 29.52
C TYR B 126 -13.82 -34.62 30.64
N PHE B 127 -13.30 -33.46 30.28
CA PHE B 127 -12.38 -32.73 31.15
C PHE B 127 -13.05 -31.59 31.93
N GLY B 128 -14.36 -31.45 31.77
CA GLY B 128 -15.13 -30.49 32.54
C GLY B 128 -14.86 -29.03 32.18
N GLY B 129 -14.90 -28.72 30.89
CA GLY B 129 -14.64 -27.38 30.42
C GLY B 129 -15.87 -26.51 30.47
N LEU B 130 -17.04 -27.14 30.42
CA LEU B 130 -18.33 -26.45 30.44
C LEU B 130 -18.44 -25.52 31.65
N ARG B 131 -18.08 -26.04 32.82
CA ARG B 131 -18.03 -25.27 34.05
C ARG B 131 -17.07 -24.09 33.94
N ASP B 132 -15.94 -24.32 33.28
CA ASP B 132 -14.91 -23.29 33.18
C ASP B 132 -15.37 -22.16 32.25
N LEU B 133 -16.17 -22.50 31.25
CA LEU B 133 -16.75 -21.48 30.39
C LEU B 133 -17.81 -20.76 31.20
N LYS B 134 -18.43 -21.49 32.12
CA LYS B 134 -19.43 -20.93 33.03
C LYS B 134 -18.82 -19.93 33.99
N ASP B 135 -17.65 -20.26 34.54
CA ASP B 135 -17.00 -19.39 35.50
C ASP B 135 -16.04 -18.40 34.87
N LYS B 136 -16.05 -18.35 33.54
CA LYS B 136 -15.16 -17.45 32.78
C LYS B 136 -13.69 -17.77 33.04
N VAL B 137 -13.23 -18.94 32.58
CA VAL B 137 -11.88 -19.44 32.91
C VAL B 137 -11.14 -20.16 31.77
N ILE B 138 -9.88 -19.77 31.57
CA ILE B 138 -8.98 -20.46 30.65
C ILE B 138 -8.03 -21.37 31.44
N ARG B 139 -8.14 -22.67 31.22
CA ARG B 139 -7.36 -23.65 31.97
C ARG B 139 -6.65 -24.63 31.04
N VAL B 140 -5.34 -24.74 31.17
CA VAL B 140 -4.60 -25.72 30.38
C VAL B 140 -4.87 -27.11 30.90
N LEU B 141 -4.91 -28.07 29.99
CA LEU B 141 -5.30 -29.43 30.33
C LEU B 141 -4.24 -30.11 31.18
N HIS B 142 -3.02 -30.13 30.68
CA HIS B 142 -1.93 -30.88 31.28
C HIS B 142 -0.80 -29.94 31.71
N PRO B 143 -0.01 -30.36 32.70
CA PRO B 143 1.08 -29.52 33.20
C PRO B 143 2.14 -29.24 32.14
N VAL B 144 2.15 -30.04 31.09
CA VAL B 144 3.05 -29.81 29.97
C VAL B 144 2.42 -28.99 28.85
N SER B 145 1.20 -28.53 29.07
CA SER B 145 0.37 -27.97 27.98
C SER B 145 1.10 -26.92 27.15
N PHE B 146 1.62 -25.89 27.80
CA PHE B 146 2.38 -24.89 27.07
C PHE B 146 3.70 -25.47 26.56
N ILE B 147 4.28 -26.37 27.34
CA ILE B 147 5.57 -26.96 27.00
C ILE B 147 5.49 -27.65 25.63
N GLU B 148 4.38 -28.36 25.40
CA GLU B 148 4.11 -28.97 24.10
C GLU B 148 4.27 -27.96 22.98
N ASP B 149 3.51 -26.89 23.10
CA ASP B 149 3.46 -25.86 22.08
C ASP B 149 3.52 -24.49 22.72
N PRO B 150 4.74 -23.96 22.87
CA PRO B 150 4.92 -22.62 23.41
C PRO B 150 4.04 -21.59 22.70
N VAL B 151 3.63 -21.88 21.47
CA VAL B 151 2.64 -21.06 20.80
C VAL B 151 1.47 -20.79 21.72
N ARG B 152 1.01 -21.86 22.37
CA ARG B 152 -0.17 -21.82 23.21
C ARG B 152 -0.12 -20.73 24.24
N ILE B 153 1.09 -20.35 24.67
CA ILE B 153 1.25 -19.21 25.56
C ILE B 153 0.42 -18.05 25.04
N LEU B 154 0.84 -17.51 23.89
CA LEU B 154 0.11 -16.43 23.27
C LEU B 154 -1.36 -16.78 23.09
N ARG B 155 -1.62 -18.03 22.69
CA ARG B 155 -2.98 -18.46 22.42
C ARG B 155 -3.82 -18.17 23.65
N ALA B 156 -3.34 -18.61 24.81
CA ALA B 156 -4.06 -18.41 26.05
C ALA B 156 -4.44 -16.95 26.11
N LEU B 157 -3.41 -16.10 25.99
CA LEU B 157 -3.57 -14.68 26.13
C LEU B 157 -4.71 -14.23 25.26
N ARG B 158 -4.60 -14.55 23.97
CA ARG B 158 -5.60 -14.16 23.00
C ARG B 158 -6.97 -14.52 23.52
N PHE B 159 -7.19 -15.82 23.71
CA PHE B 159 -8.50 -16.29 24.09
C PHE B 159 -8.93 -15.62 25.39
N ALA B 160 -8.02 -15.53 26.34
CA ALA B 160 -8.33 -14.88 27.61
C ALA B 160 -8.83 -13.47 27.36
N GLY B 161 -8.02 -12.70 26.65
CA GLY B 161 -8.34 -11.32 26.33
C GLY B 161 -9.68 -11.26 25.64
N ARG B 162 -9.94 -12.23 24.77
CA ARG B 162 -11.21 -12.23 24.05
C ARG B 162 -12.36 -12.43 25.01
N LEU B 163 -12.23 -13.45 25.86
CA LEU B 163 -13.42 -13.99 26.51
C LEU B 163 -13.73 -13.28 27.82
N ASN B 164 -12.81 -12.43 28.25
CA ASN B 164 -12.83 -11.91 29.62
C ASN B 164 -12.85 -13.12 30.55
N PHE B 165 -11.97 -14.07 30.26
CA PHE B 165 -11.83 -15.25 31.09
C PHE B 165 -10.54 -15.15 31.87
N LYS B 166 -10.54 -15.69 33.08
CA LYS B 166 -9.35 -15.69 33.93
C LYS B 166 -8.50 -16.94 33.65
N LEU B 167 -7.18 -16.78 33.68
CA LEU B 167 -6.29 -17.94 33.61
C LEU B 167 -6.54 -18.77 34.85
N SER B 168 -6.56 -20.09 34.72
CA SER B 168 -6.70 -20.92 35.91
C SER B 168 -5.43 -20.76 36.73
N ARG B 169 -5.54 -21.09 38.02
CA ARG B 169 -4.45 -20.89 38.95
C ARG B 169 -3.18 -21.55 38.44
N SER B 170 -3.19 -22.88 38.49
CA SER B 170 -2.10 -23.69 37.98
C SER B 170 -1.81 -23.31 36.53
N THR B 171 -2.84 -22.97 35.78
CA THR B 171 -2.67 -22.62 34.37
C THR B 171 -1.77 -21.43 34.22
N GLU B 172 -2.15 -20.34 34.86
CA GLU B 172 -1.33 -19.15 34.89
C GLU B 172 0.08 -19.51 35.32
N LYS B 173 0.19 -20.39 36.31
CA LYS B 173 1.50 -20.81 36.80
C LYS B 173 2.37 -21.42 35.69
N LEU B 174 1.89 -22.47 35.06
CA LEU B 174 2.67 -23.18 34.06
C LEU B 174 2.96 -22.25 32.91
N LEU B 175 2.05 -21.31 32.69
CA LEU B 175 2.26 -20.27 31.70
C LEU B 175 3.52 -19.50 32.03
N LYS B 176 3.45 -18.76 33.13
CA LYS B 176 4.54 -17.89 33.53
C LYS B 176 5.85 -18.66 33.57
N GLN B 177 5.79 -19.89 34.06
CA GLN B 177 6.97 -20.73 34.19
C GLN B 177 7.58 -21.00 32.82
N ALA B 178 6.75 -21.54 31.94
CA ALA B 178 7.16 -21.82 30.58
C ALA B 178 7.83 -20.61 29.94
N VAL B 179 7.21 -19.44 30.09
CA VAL B 179 7.79 -18.23 29.53
C VAL B 179 9.14 -17.97 30.15
N ASN B 180 9.21 -18.07 31.49
CA ASN B 180 10.45 -17.86 32.24
C ASN B 180 11.58 -18.73 31.72
N LEU B 181 11.22 -19.87 31.13
CA LEU B 181 12.21 -20.73 30.50
C LEU B 181 12.62 -20.21 29.13
N GLY B 182 11.95 -19.16 28.67
CA GLY B 182 12.33 -18.47 27.46
C GLY B 182 12.12 -19.29 26.22
N LEU B 183 11.13 -20.17 26.25
CA LEU B 183 10.85 -21.03 25.11
C LEU B 183 9.97 -20.32 24.10
N LEU B 184 9.39 -19.21 24.53
CA LEU B 184 8.60 -18.38 23.63
C LEU B 184 9.54 -17.72 22.64
N LYS B 185 10.80 -17.63 23.03
CA LYS B 185 11.89 -17.29 22.13
C LYS B 185 12.31 -18.51 21.31
N GLU B 186 12.27 -19.69 21.94
CA GLU B 186 12.82 -20.92 21.34
C GLU B 186 11.82 -21.62 20.42
N ALA B 187 10.68 -20.99 20.20
CA ALA B 187 9.63 -21.49 19.30
C ALA B 187 9.79 -20.96 17.85
N PRO B 188 9.16 -21.65 16.87
CA PRO B 188 9.19 -21.19 15.47
C PRO B 188 8.55 -19.81 15.28
N ARG B 189 9.28 -18.92 14.63
CA ARG B 189 8.88 -17.51 14.53
C ARG B 189 7.67 -17.33 13.63
N GLY B 190 7.50 -18.22 12.67
CA GLY B 190 6.43 -18.08 11.70
C GLY B 190 5.08 -18.20 12.37
N ARG B 191 4.87 -19.34 13.02
CA ARG B 191 3.59 -19.63 13.67
C ARG B 191 3.24 -18.54 14.68
N LEU B 192 4.25 -18.11 15.42
CA LEU B 192 4.07 -17.09 16.45
C LEU B 192 3.63 -15.77 15.83
N ILE B 193 4.39 -15.31 14.85
CA ILE B 193 4.10 -14.05 14.17
C ILE B 193 2.68 -14.11 13.63
N ASN B 194 2.31 -15.29 13.12
CA ASN B 194 0.96 -15.54 12.66
C ASN B 194 -0.05 -15.33 13.79
N GLU B 195 0.28 -15.84 14.97
CA GLU B 195 -0.63 -15.74 16.11
C GLU B 195 -0.82 -14.29 16.56
N ILE B 196 0.24 -13.50 16.47
CA ILE B 196 0.14 -12.06 16.75
C ILE B 196 -0.72 -11.37 15.70
N LYS B 197 -0.60 -11.83 14.45
CA LYS B 197 -1.49 -11.37 13.39
C LYS B 197 -2.94 -11.63 13.77
N LEU B 198 -3.22 -12.88 14.16
CA LEU B 198 -4.54 -13.26 14.65
C LEU B 198 -4.98 -12.30 15.72
N ALA B 199 -4.05 -12.02 16.64
CA ALA B 199 -4.29 -11.15 17.79
C ALA B 199 -4.79 -9.78 17.37
N LEU B 200 -4.08 -9.11 16.47
CA LEU B 200 -4.49 -7.76 16.12
C LEU B 200 -5.75 -7.76 15.24
N ARG B 201 -6.12 -8.94 14.74
CA ARG B 201 -7.40 -9.10 14.05
C ARG B 201 -8.54 -9.22 15.05
N GLU B 202 -8.20 -9.49 16.30
CA GLU B 202 -9.19 -9.70 17.35
C GLU B 202 -9.73 -8.37 17.84
N ASP B 203 -10.95 -8.39 18.38
CA ASP B 203 -11.66 -7.18 18.77
C ASP B 203 -11.28 -6.63 20.15
N ARG B 204 -10.76 -7.50 21.02
CA ARG B 204 -10.34 -7.14 22.37
C ARG B 204 -8.85 -6.83 22.43
N PHE B 205 -8.24 -6.72 21.26
CA PHE B 205 -6.79 -6.68 21.08
C PHE B 205 -6.05 -5.77 22.06
N LEU B 206 -6.67 -4.66 22.44
CA LEU B 206 -6.12 -3.83 23.50
C LEU B 206 -5.93 -4.67 24.76
N GLU B 207 -7.04 -5.17 25.28
CA GLU B 207 -7.05 -5.94 26.52
C GLU B 207 -6.05 -7.09 26.47
N ILE B 208 -5.85 -7.62 25.28
CA ILE B 208 -4.88 -8.69 25.08
C ILE B 208 -3.47 -8.13 24.98
N LEU B 209 -3.34 -6.83 24.71
CA LEU B 209 -2.02 -6.21 24.73
C LEU B 209 -1.64 -5.95 26.17
N GLU B 210 -2.62 -5.61 26.99
CA GLU B 210 -2.44 -5.58 28.43
C GLU B 210 -1.96 -6.96 28.86
N LEU B 211 -2.63 -7.99 28.35
CA LEU B 211 -2.22 -9.36 28.59
C LEU B 211 -0.82 -9.67 28.09
N TYR B 212 -0.40 -8.97 27.03
CA TYR B 212 0.91 -9.17 26.46
C TYR B 212 1.96 -8.52 27.34
N ARG B 213 1.55 -7.45 27.99
CA ARG B 213 2.42 -6.69 28.87
C ARG B 213 2.69 -7.49 30.13
N LYS B 214 1.63 -7.94 30.79
CA LYS B 214 1.75 -8.60 32.09
C LYS B 214 2.76 -9.74 32.09
N TYR B 215 2.59 -10.70 31.20
CA TYR B 215 3.47 -11.89 31.19
C TYR B 215 4.67 -11.69 30.27
N ARG B 216 4.78 -10.48 29.73
CA ARG B 216 5.96 -10.03 28.98
C ARG B 216 6.27 -10.84 27.73
N VAL B 217 5.24 -11.24 26.99
CA VAL B 217 5.48 -12.06 25.80
C VAL B 217 6.20 -11.29 24.71
N LEU B 218 5.81 -10.03 24.53
CA LEU B 218 6.33 -9.21 23.44
C LEU B 218 7.82 -8.97 23.59
N GLU B 219 8.26 -8.81 24.84
CA GLU B 219 9.67 -8.55 25.11
C GLU B 219 10.54 -9.73 24.70
N GLU B 220 10.02 -10.94 24.85
CA GLU B 220 10.71 -12.15 24.39
C GLU B 220 10.59 -12.30 22.89
N ILE B 221 9.42 -11.93 22.38
CA ILE B 221 9.13 -12.08 20.96
C ILE B 221 9.84 -11.01 20.12
N ILE B 222 9.40 -9.76 20.25
CA ILE B 222 9.94 -8.68 19.43
C ILE B 222 11.16 -8.05 20.10
N GLU B 223 12.17 -7.70 19.29
CA GLU B 223 13.46 -7.26 19.81
C GLU B 223 13.48 -5.80 20.23
N GLY B 224 14.13 -5.51 21.36
CA GLY B 224 14.34 -4.15 21.81
C GLY B 224 13.09 -3.47 22.34
N PHE B 225 11.95 -4.14 22.19
CA PHE B 225 10.67 -3.61 22.61
C PHE B 225 10.69 -3.29 24.09
N GLN B 226 10.09 -2.17 24.46
CA GLN B 226 10.02 -1.79 25.85
C GLN B 226 8.68 -1.14 26.17
N TRP B 227 8.15 -1.42 27.35
CA TRP B 227 6.89 -0.84 27.79
C TRP B 227 7.06 0.54 28.43
N ASN B 228 6.05 1.39 28.25
CA ASN B 228 5.96 2.65 28.99
C ASN B 228 4.50 2.98 29.25
N GLU B 229 4.22 3.56 30.41
CA GLU B 229 2.86 3.92 30.81
C GLU B 229 2.27 4.89 29.80
N LYS B 230 3.12 5.75 29.26
CA LYS B 230 2.69 6.70 28.26
C LYS B 230 2.10 5.98 27.06
N VAL B 231 2.80 4.97 26.56
CA VAL B 231 2.30 4.17 25.45
C VAL B 231 0.96 3.52 25.82
N LEU B 232 0.83 3.16 27.10
CA LEU B 232 -0.36 2.47 27.60
C LEU B 232 -1.60 3.35 27.54
N GLN B 233 -1.50 4.54 28.13
CA GLN B 233 -2.65 5.43 28.21
C GLN B 233 -2.88 6.15 26.88
N LYS B 234 -1.84 6.22 26.05
CA LYS B 234 -1.99 6.66 24.67
C LYS B 234 -2.77 5.59 23.90
N LEU B 235 -2.62 4.34 24.32
CA LEU B 235 -3.38 3.26 23.71
C LEU B 235 -4.84 3.26 24.19
N TYR B 236 -5.06 3.59 25.46
CA TYR B 236 -6.44 3.68 25.95
C TYR B 236 -7.16 4.85 25.31
N ALA B 237 -6.47 5.99 25.25
CA ALA B 237 -6.98 7.16 24.54
C ALA B 237 -7.24 6.81 23.07
N LEU B 238 -6.37 5.97 22.53
CA LEU B 238 -6.55 5.47 21.16
C LEU B 238 -7.85 4.70 21.06
N ARG B 239 -8.15 3.87 22.05
CA ARG B 239 -9.41 3.15 22.05
C ARG B 239 -10.59 4.11 22.08
N LYS B 240 -10.43 5.21 22.81
CA LYS B 240 -11.44 6.25 22.80
C LYS B 240 -11.67 6.78 21.37
N VAL B 241 -10.59 7.19 20.73
CA VAL B 241 -10.66 7.81 19.41
C VAL B 241 -11.20 6.86 18.35
N VAL B 242 -10.73 5.63 18.35
CA VAL B 242 -11.15 4.64 17.37
C VAL B 242 -12.60 4.24 17.62
N ASP B 243 -12.97 4.11 18.90
CA ASP B 243 -14.36 3.91 19.28
C ASP B 243 -15.20 4.97 18.58
N TRP B 244 -14.77 6.21 18.76
CA TRP B 244 -15.42 7.38 18.19
C TRP B 244 -15.55 7.32 16.66
N HIS B 245 -14.42 7.18 15.97
CA HIS B 245 -14.38 7.15 14.51
C HIS B 245 -15.25 6.03 13.94
N ALA B 246 -15.00 4.82 14.41
CA ALA B 246 -15.74 3.65 13.94
C ALA B 246 -17.24 3.84 14.17
N LEU B 247 -17.62 4.43 15.30
CA LEU B 247 -19.03 4.70 15.54
C LEU B 247 -19.57 5.66 14.49
N GLU B 248 -18.87 6.78 14.31
CA GLU B 248 -19.27 7.79 13.35
C GLU B 248 -19.28 7.27 11.92
N PHE B 249 -18.15 6.74 11.48
CA PHE B 249 -18.01 6.31 10.10
C PHE B 249 -18.09 4.81 9.98
N SER B 250 -19.20 4.35 9.43
CA SER B 250 -19.45 2.93 9.31
C SER B 250 -18.62 2.30 8.19
N GLU B 251 -18.54 3.00 7.06
CA GLU B 251 -17.94 2.43 5.86
C GLU B 251 -16.45 2.75 5.74
N GLU B 252 -15.95 3.57 6.67
CA GLU B 252 -14.56 3.99 6.61
C GLU B 252 -13.64 3.15 7.50
N ARG B 253 -14.21 2.16 8.16
CA ARG B 253 -13.46 1.37 9.12
C ARG B 253 -12.39 0.51 8.45
N ILE B 254 -11.16 0.67 8.91
CA ILE B 254 -10.02 -0.10 8.44
C ILE B 254 -9.74 -1.26 9.39
N ASP B 255 -8.59 -1.91 9.22
CA ASP B 255 -8.15 -2.83 10.25
C ASP B 255 -7.40 -1.96 11.25
N TYR B 256 -8.02 -1.81 12.41
CA TYR B 256 -7.57 -0.86 13.40
C TYR B 256 -6.40 -1.42 14.15
N GLY B 257 -6.29 -2.74 14.15
CA GLY B 257 -5.28 -3.43 14.92
C GLY B 257 -3.91 -2.85 14.69
N TRP B 258 -3.61 -2.63 13.43
CA TRP B 258 -2.31 -2.11 13.03
C TRP B 258 -1.94 -0.82 13.74
N LEU B 259 -2.92 0.08 13.88
CA LEU B 259 -2.70 1.34 14.60
C LEU B 259 -2.09 1.01 15.94
N TYR B 260 -2.78 0.15 16.69
CA TYR B 260 -2.31 -0.28 17.99
C TYR B 260 -0.87 -0.78 17.89
N LEU B 261 -0.64 -1.67 16.92
CA LEU B 261 0.67 -2.24 16.71
C LEU B 261 1.71 -1.14 16.58
N LEU B 262 1.41 -0.16 15.75
CA LEU B 262 2.36 0.92 15.50
C LEU B 262 2.66 1.69 16.77
N ILE B 263 1.62 1.91 17.59
CA ILE B 263 1.80 2.69 18.80
C ILE B 263 2.74 1.94 19.74
N LEU B 264 2.72 0.61 19.66
CA LEU B 264 3.66 -0.18 20.43
C LEU B 264 5.07 0.07 19.91
N ILE B 265 5.21 0.03 18.60
CA ILE B 265 6.53 0.10 17.96
C ILE B 265 6.92 1.52 17.61
N SER B 266 6.07 2.47 18.00
CA SER B 266 6.35 3.88 17.80
C SER B 266 7.68 4.27 18.42
N ASN B 267 7.90 3.85 19.66
CA ASN B 267 9.13 4.17 20.37
C ASN B 267 10.34 3.43 19.79
N LEU B 268 10.07 2.27 19.21
CA LEU B 268 11.12 1.39 18.72
C LEU B 268 11.76 1.88 17.43
N ASP B 269 12.95 1.36 17.14
CA ASP B 269 13.73 1.76 15.98
C ASP B 269 13.04 1.50 14.64
N TYR B 270 13.24 2.44 13.72
CA TYR B 270 12.65 2.35 12.39
C TYR B 270 13.15 1.12 11.64
N GLU B 271 14.43 0.81 11.76
CA GLU B 271 14.98 -0.37 11.11
C GLU B 271 14.31 -1.63 11.63
N ARG B 272 14.37 -1.82 12.94
CA ARG B 272 13.78 -2.98 13.58
C ARG B 272 12.26 -2.98 13.40
N GLY B 273 11.64 -1.82 13.56
CA GLY B 273 10.20 -1.69 13.41
C GLY B 273 9.72 -2.11 12.04
N LYS B 274 10.40 -1.59 11.02
CA LYS B 274 10.15 -1.95 9.64
C LYS B 274 10.35 -3.44 9.42
N HIS B 275 11.43 -3.98 9.99
CA HIS B 275 11.68 -5.42 9.92
C HIS B 275 10.51 -6.21 10.46
N PHE B 276 9.90 -5.70 11.53
CA PHE B 276 8.77 -6.38 12.14
C PHE B 276 7.52 -6.21 11.31
N LEU B 277 7.40 -5.09 10.61
CA LEU B 277 6.27 -4.83 9.74
C LEU B 277 6.26 -5.77 8.55
N GLU B 278 7.43 -5.95 7.95
CA GLU B 278 7.57 -6.90 6.85
C GLU B 278 7.49 -8.33 7.36
N GLU B 279 7.91 -8.52 8.61
CA GLU B 279 7.82 -9.81 9.27
C GLU B 279 6.35 -10.17 9.48
N MET B 280 5.53 -9.16 9.73
CA MET B 280 4.11 -9.34 10.01
C MET B 280 3.24 -9.21 8.76
N SER B 281 3.87 -9.06 7.61
CA SER B 281 3.16 -8.89 6.34
C SER B 281 2.26 -7.66 6.38
N ALA B 282 2.81 -6.55 6.83
CA ALA B 282 2.05 -5.30 6.94
C ALA B 282 1.50 -4.85 5.60
N PRO B 283 0.22 -4.45 5.56
CA PRO B 283 -0.40 -3.90 4.36
C PRO B 283 0.33 -2.65 3.91
N SER B 284 0.09 -2.26 2.67
CA SER B 284 0.76 -1.09 2.11
C SER B 284 0.64 0.12 3.04
N TRP B 285 -0.60 0.46 3.38
CA TRP B 285 -0.91 1.70 4.09
C TRP B 285 -0.32 1.79 5.49
N VAL B 286 -0.25 0.65 6.18
CA VAL B 286 0.35 0.62 7.51
C VAL B 286 1.85 0.94 7.43
N ARG B 287 2.53 0.28 6.49
CA ARG B 287 3.94 0.52 6.25
C ARG B 287 4.16 1.98 5.95
N GLU B 288 3.27 2.53 5.11
CA GLU B 288 3.27 3.96 4.82
C GLU B 288 3.25 4.79 6.09
N THR B 289 2.27 4.52 6.94
CA THR B 289 2.06 5.33 8.14
C THR B 289 3.24 5.24 9.12
N TYR B 290 3.86 4.07 9.22
CA TYR B 290 5.00 3.90 10.11
C TYR B 290 6.24 4.63 9.59
N LYS B 291 6.55 4.43 8.31
CA LYS B 291 7.70 5.11 7.73
C LYS B 291 7.53 6.62 7.85
N PHE B 292 6.35 7.10 7.48
CA PHE B 292 6.01 8.51 7.63
C PHE B 292 6.15 8.95 9.09
N MET B 293 5.82 8.06 10.01
CA MET B 293 5.84 8.39 11.43
C MET B 293 7.24 8.54 11.98
N LYS B 294 8.17 7.70 11.50
CA LYS B 294 9.56 7.82 11.94
C LYS B 294 10.26 8.96 11.20
N PHE B 295 9.78 9.23 9.99
CA PHE B 295 10.39 10.27 9.17
C PHE B 295 9.64 11.59 9.24
N LYS B 296 8.47 11.63 8.62
CA LYS B 296 7.80 12.88 8.30
C LYS B 296 6.72 13.33 9.31
N LEU B 297 6.55 12.56 10.38
CA LEU B 297 5.51 12.85 11.38
C LEU B 297 5.66 14.18 12.11
N GLY B 298 6.80 14.34 12.78
CA GLY B 298 7.01 15.47 13.67
C GLY B 298 6.83 16.82 13.03
N SER B 299 7.54 17.03 11.92
CA SER B 299 7.50 18.30 11.20
C SER B 299 6.09 18.60 10.68
N LEU B 300 5.36 17.56 10.30
CA LEU B 300 3.99 17.74 9.84
C LEU B 300 3.10 18.14 11.01
N LYS B 301 3.36 17.58 12.19
CA LYS B 301 2.67 17.99 13.40
C LYS B 301 2.94 19.46 13.71
N GLU B 302 4.18 19.89 13.45
CA GLU B 302 4.54 21.28 13.66
C GLU B 302 3.83 22.20 12.67
N GLU B 303 3.78 21.78 11.40
CA GLU B 303 3.01 22.50 10.39
C GLU B 303 1.56 22.66 10.84
N LEU B 304 1.00 21.57 11.35
CA LEU B 304 -0.41 21.54 11.74
C LEU B 304 -0.70 22.46 12.93
N LYS B 305 0.07 22.31 14.00
CA LYS B 305 -0.09 23.16 15.18
C LYS B 305 -0.05 24.63 14.78
N LYS B 306 0.80 24.92 13.80
CA LYS B 306 1.03 26.30 13.36
C LYS B 306 0.16 26.69 12.19
N ALA B 307 -0.76 25.82 11.79
CA ALA B 307 -1.64 26.10 10.66
C ALA B 307 -2.71 27.12 11.05
N LYS B 308 -2.76 28.23 10.30
CA LYS B 308 -3.61 29.37 10.64
C LYS B 308 -5.07 29.26 10.21
N GLU B 309 -5.33 28.79 8.99
CA GLU B 309 -6.69 28.79 8.45
C GLU B 309 -7.15 27.39 8.07
N ASN B 310 -8.47 27.18 8.12
CA ASN B 310 -9.05 25.88 7.84
C ASN B 310 -8.58 25.31 6.50
N TYR B 311 -8.35 26.18 5.53
CA TYR B 311 -7.92 25.73 4.21
C TYR B 311 -6.53 25.11 4.21
N GLU B 312 -5.62 25.70 4.99
CA GLU B 312 -4.26 25.17 5.07
C GLU B 312 -4.29 23.79 5.73
N VAL B 313 -5.12 23.67 6.75
CA VAL B 313 -5.35 22.41 7.43
C VAL B 313 -5.84 21.37 6.44
N TYR B 314 -6.86 21.73 5.68
CA TYR B 314 -7.39 20.87 4.64
C TYR B 314 -6.33 20.48 3.61
N ARG B 315 -5.43 21.41 3.32
CA ARG B 315 -4.39 21.20 2.33
C ARG B 315 -3.35 20.22 2.84
N LEU B 316 -3.10 20.23 4.13
CA LEU B 316 -2.19 19.27 4.74
C LEU B 316 -2.86 17.91 4.91
N LEU B 317 -4.17 17.90 5.14
CA LEU B 317 -4.88 16.68 5.47
C LEU B 317 -5.52 15.96 4.28
N LYS B 318 -5.52 16.58 3.11
CA LYS B 318 -6.18 15.98 1.96
C LYS B 318 -5.54 14.65 1.50
N PRO B 319 -4.24 14.66 1.14
CA PRO B 319 -3.69 13.37 0.69
C PRO B 319 -3.50 12.37 1.82
N LEU B 320 -3.31 12.88 3.04
CA LEU B 320 -3.06 12.05 4.22
C LEU B 320 -4.14 11.01 4.42
N HIS B 321 -3.73 9.83 4.85
CA HIS B 321 -4.69 8.75 5.04
C HIS B 321 -5.50 8.95 6.31
N THR B 322 -6.70 8.37 6.32
CA THR B 322 -7.59 8.36 7.47
C THR B 322 -6.85 7.87 8.71
N SER B 323 -5.96 6.90 8.52
CA SER B 323 -5.11 6.40 9.59
C SER B 323 -4.28 7.52 10.18
N VAL B 324 -3.64 8.31 9.32
CA VAL B 324 -2.83 9.41 9.79
C VAL B 324 -3.71 10.43 10.50
N LEU B 325 -4.94 10.59 10.02
CA LEU B 325 -5.86 11.55 10.62
C LEU B 325 -6.20 11.16 12.06
N LEU B 326 -6.64 9.92 12.22
CA LEU B 326 -6.98 9.40 13.54
C LEU B 326 -5.75 9.41 14.42
N LEU B 327 -4.58 9.18 13.81
CA LEU B 327 -3.33 9.21 14.55
C LEU B 327 -3.06 10.64 15.03
N LEU B 328 -3.58 11.60 14.28
CA LEU B 328 -3.45 13.02 14.62
C LEU B 328 -4.54 13.42 15.62
N MET B 329 -5.49 12.53 15.84
CA MET B 329 -6.61 12.84 16.72
C MET B 329 -6.28 12.59 18.19
N LEU B 330 -5.05 12.15 18.46
CA LEU B 330 -4.59 11.92 19.83
C LEU B 330 -4.34 13.24 20.55
N GLU B 331 -3.62 14.13 19.88
CA GLU B 331 -3.34 15.46 20.43
C GLU B 331 -4.63 16.18 20.76
N GLU B 332 -4.69 16.77 21.95
CA GLU B 332 -5.90 17.48 22.37
C GLU B 332 -6.01 18.83 21.66
N GLU B 333 -4.86 19.41 21.31
CA GLU B 333 -4.85 20.70 20.63
C GLU B 333 -5.16 20.57 19.14
N LEU B 334 -4.83 19.42 18.56
CA LEU B 334 -5.11 19.18 17.15
C LEU B 334 -6.44 18.48 16.98
N LYS B 335 -7.12 18.27 18.10
CA LYS B 335 -8.36 17.48 18.14
C LYS B 335 -9.44 18.10 17.25
N GLU B 336 -9.79 19.34 17.54
CA GLU B 336 -10.81 20.05 16.79
C GLU B 336 -10.40 20.31 15.34
N LYS B 337 -9.11 20.24 15.07
CA LYS B 337 -8.60 20.49 13.72
C LYS B 337 -8.96 19.33 12.80
N ILE B 338 -8.56 18.13 13.20
CA ILE B 338 -8.88 16.94 12.45
C ILE B 338 -10.40 16.76 12.44
N LYS B 339 -11.02 17.03 13.60
CA LYS B 339 -12.47 16.94 13.74
C LYS B 339 -13.22 17.80 12.73
N LEU B 340 -12.86 19.08 12.65
CA LEU B 340 -13.48 20.01 11.71
C LEU B 340 -13.19 19.56 10.29
N TYR B 341 -11.97 19.08 10.06
CA TYR B 341 -11.58 18.61 8.73
C TYR B 341 -12.52 17.53 8.22
N LEU B 342 -12.69 16.47 9.01
CA LEU B 342 -13.57 15.38 8.59
C LEU B 342 -15.03 15.81 8.58
N GLU B 343 -15.40 16.69 9.51
CA GLU B 343 -16.77 17.15 9.64
C GLU B 343 -17.15 18.12 8.53
N LYS B 344 -16.27 19.08 8.27
CA LYS B 344 -16.63 20.18 7.38
C LYS B 344 -15.74 20.26 6.14
N LEU B 345 -14.45 20.50 6.38
CA LEU B 345 -13.53 20.96 5.34
C LEU B 345 -13.48 20.08 4.09
N ARG B 346 -13.17 18.80 4.25
CA ARG B 346 -12.97 17.94 3.09
C ARG B 346 -14.29 17.60 2.40
N LYS B 347 -15.41 17.91 3.06
CA LYS B 347 -16.73 17.58 2.53
C LYS B 347 -17.20 18.59 1.49
N VAL B 348 -16.38 19.59 1.23
CA VAL B 348 -16.71 20.63 0.27
C VAL B 348 -16.55 20.12 -1.17
N LYS B 349 -17.59 20.28 -1.98
CA LYS B 349 -17.55 19.90 -3.39
C LYS B 349 -17.98 21.05 -4.29
N GLU B 370 -6.60 24.99 -10.19
CA GLU B 370 -6.07 25.74 -9.06
C GLU B 370 -6.95 26.93 -8.72
N ARG B 371 -7.63 27.46 -9.73
CA ARG B 371 -8.59 28.54 -9.52
C ARG B 371 -9.75 28.03 -8.68
N ILE B 372 -10.12 26.78 -8.93
CA ILE B 372 -11.11 26.08 -8.13
C ILE B 372 -10.75 26.18 -6.67
N GLU B 373 -9.51 25.76 -6.38
CA GLU B 373 -9.00 25.74 -5.01
C GLU B 373 -9.07 27.12 -4.38
N GLU B 374 -8.93 28.15 -5.20
CA GLU B 374 -9.05 29.52 -4.72
C GLU B 374 -10.49 29.82 -4.33
N LEU B 375 -11.43 29.43 -5.18
CA LEU B 375 -12.83 29.65 -4.87
C LEU B 375 -13.26 28.85 -3.64
N LYS B 376 -12.57 27.74 -3.37
CA LYS B 376 -12.78 26.99 -2.14
C LYS B 376 -12.24 27.77 -0.94
N ARG B 377 -11.01 28.26 -1.09
CA ARG B 377 -10.34 29.03 -0.03
C ARG B 377 -11.19 30.23 0.40
N GLU B 378 -11.89 30.83 -0.54
CA GLU B 378 -12.87 31.87 -0.22
C GLU B 378 -13.80 31.38 0.89
N ILE B 379 -14.28 30.16 0.73
CA ILE B 379 -15.29 29.56 1.61
C ILE B 379 -14.75 29.02 2.94
N MET B 380 -13.67 28.25 2.88
CA MET B 380 -13.27 27.40 4.01
C MET B 380 -12.85 28.16 5.27
N ASN B 381 -12.50 29.43 5.12
CA ASN B 381 -12.23 30.30 6.27
C ASN B 381 -13.45 30.36 7.17
N LYS B 382 -14.61 30.06 6.59
CA LYS B 382 -15.89 30.13 7.29
C LYS B 382 -16.39 28.74 7.68
#